data_6SJ1
#
_entry.id   6SJ1
#
_cell.length_a   135.610
_cell.length_b   54.510
_cell.length_c   141.540
_cell.angle_alpha   90.000
_cell.angle_beta   111.870
_cell.angle_gamma   90.000
#
_symmetry.space_group_name_H-M   'C 1 2 1'
#
loop_
_entity.id
_entity.type
_entity.pdbx_description
1 polymer Amidohydrolase
2 non-polymer 'ZINC ION'
3 water water
#
_entity_poly.entity_id   1
_entity_poly.type   'polypeptide(L)'
_entity_poly.pdbx_seq_one_letter_code
;MSYYHHHHHHDYDIPTTENLYFQGAMGARLITGGTVYTADAQESVHARGAVLTVDDKVVAVGPAVEVEQAVQALDPAVRA
ELRRLDASRMMVLPGFVNAHWHEMFAMGFTMRGALRPPSDRADQVAFMGGGGDMHQISATFDRFDGLIEAMTEDEARAIA
EYSMWIQLRGGVTTLGDMGSLNRPLAMVEAARRLGMRFSASTWASDAVLAPDRSRFLRTRDADTVLASFEALLGAVAADP
TGRIRCRPNVSYVTNMTDELARGMAELVERHDLPFATHVGALRNEADAMRAYHGETGVRRLAEAGLVDERLMAGHSAFLD
DQEQKLMLAGRAHISHSPGKYGPSGESALTETGVVPALRRAGLDVSLSTDAAALPGAGIAETMRAAWQMYNEMSADQTEV
LPTDALAMATRIAAKGLRWDDAVGSLEPGKQADLLLVRTDDWRYLLNPRPLESFLWLAGSADVDTVIVGGRTLVEGGRGV
EVDEAALRDRYLQALRGFTTRALRVPAEAVDPVLAEVAR
;
_entity_poly.pdbx_strand_id   A,B
#
loop_
_chem_comp.id
_chem_comp.type
_chem_comp.name
_chem_comp.formula
ZN non-polymer 'ZINC ION' 'Zn 2'
#
# COMPACT_ATOMS: atom_id res chain seq x y z
N MET A 26 17.79 -6.21 32.79
CA MET A 26 17.52 -5.22 31.70
C MET A 26 17.19 -3.83 32.28
N GLY A 27 16.58 -3.78 33.47
CA GLY A 27 16.36 -2.53 34.24
C GLY A 27 15.17 -1.73 33.74
N ALA A 28 15.03 -0.49 34.21
CA ALA A 28 13.90 0.41 33.88
C ALA A 28 14.29 1.25 32.65
N ARG A 29 13.35 1.40 31.71
CA ARG A 29 13.48 2.31 30.54
C ARG A 29 12.23 3.19 30.48
N LEU A 30 12.42 4.49 30.23
CA LEU A 30 11.33 5.45 29.97
C LEU A 30 11.44 5.89 28.52
N ILE A 31 10.43 5.58 27.70
CA ILE A 31 10.30 6.07 26.30
C ILE A 31 9.26 7.19 26.32
N THR A 32 9.66 8.44 26.14
CA THR A 32 8.73 9.59 26.26
C THR A 32 8.83 10.54 25.08
N GLY A 33 7.80 11.36 24.92
CA GLY A 33 7.74 12.54 24.03
C GLY A 33 6.94 12.29 22.77
N GLY A 34 6.80 11.03 22.32
CA GLY A 34 6.12 10.71 21.06
C GLY A 34 4.62 10.50 21.22
N THR A 35 3.92 10.21 20.12
CA THR A 35 2.51 9.74 20.14
C THR A 35 2.49 8.22 20.37
N VAL A 36 1.80 7.77 21.41
CA VAL A 36 1.73 6.35 21.85
C VAL A 36 0.36 5.76 21.51
N TYR A 37 0.32 4.74 20.66
CA TYR A 37 -0.86 3.92 20.36
C TYR A 37 -0.81 2.64 21.21
N THR A 38 -1.81 2.41 22.05
CA THR A 38 -1.80 1.30 23.04
C THR A 38 -2.42 0.02 22.45
N ALA A 39 -3.38 0.16 21.54
CA ALA A 39 -4.33 -0.89 21.12
C ALA A 39 -4.93 -1.60 22.34
N ASP A 40 -5.21 -0.85 23.42
CA ASP A 40 -5.96 -1.40 24.59
C ASP A 40 -7.45 -1.45 24.20
N ALA A 41 -8.32 -1.82 25.15
CA ALA A 41 -9.78 -2.02 24.95
C ALA A 41 -10.45 -0.73 24.44
N GLN A 42 -9.97 0.45 24.85
CA GLN A 42 -10.49 1.77 24.39
C GLN A 42 -9.78 2.23 23.12
N GLU A 43 -8.81 1.46 22.60
CA GLU A 43 -7.95 1.86 21.46
C GLU A 43 -7.27 3.21 21.78
N SER A 44 -6.87 3.43 23.04
CA SER A 44 -6.33 4.69 23.57
C SER A 44 -5.10 5.16 22.78
N VAL A 45 -5.07 6.45 22.47
CA VAL A 45 -3.91 7.17 21.86
C VAL A 45 -3.51 8.31 22.78
N HIS A 46 -2.21 8.44 23.08
CA HIS A 46 -1.65 9.52 23.92
C HIS A 46 -0.62 10.31 23.10
N ALA A 47 -1.00 11.50 22.64
CA ALA A 47 -0.07 12.53 22.11
C ALA A 47 0.89 12.93 23.22
N ARG A 48 2.17 13.11 22.91
CA ARG A 48 3.23 13.38 23.93
C ARG A 48 3.04 12.41 25.09
N GLY A 49 2.91 11.13 24.76
CA GLY A 49 2.73 10.03 25.71
C GLY A 49 4.07 9.45 26.13
N ALA A 50 4.03 8.48 27.03
CA ALA A 50 5.23 7.85 27.60
C ALA A 50 4.91 6.38 27.85
N VAL A 51 5.96 5.55 27.80
CA VAL A 51 5.92 4.12 28.22
C VAL A 51 7.07 3.91 29.20
N LEU A 52 6.75 3.51 30.42
CA LEU A 52 7.74 3.08 31.43
C LEU A 52 7.75 1.55 31.44
N THR A 53 8.91 0.94 31.19
CA THR A 53 9.12 -0.53 31.26
C THR A 53 10.10 -0.81 32.41
N VAL A 54 9.86 -1.91 33.12
CA VAL A 54 10.81 -2.48 34.13
C VAL A 54 11.01 -3.95 33.76
N ASP A 55 12.26 -4.34 33.52
CA ASP A 55 12.68 -5.65 32.98
C ASP A 55 11.87 -5.92 31.70
N ASP A 56 11.02 -6.95 31.67
CA ASP A 56 10.35 -7.42 30.44
C ASP A 56 8.93 -6.82 30.31
N LYS A 57 8.46 -6.05 31.30
CA LYS A 57 7.03 -5.63 31.39
C LYS A 57 6.86 -4.12 31.28
N VAL A 58 5.71 -3.73 30.73
CA VAL A 58 5.17 -2.34 30.83
C VAL A 58 4.64 -2.17 32.26
N VAL A 59 5.04 -1.11 32.96
CA VAL A 59 4.47 -0.79 34.31
C VAL A 59 3.57 0.45 34.20
N ALA A 60 3.84 1.36 33.26
CA ALA A 60 3.02 2.59 33.08
C ALA A 60 3.00 3.03 31.61
N VAL A 61 1.83 3.45 31.14
CA VAL A 61 1.66 4.03 29.78
C VAL A 61 0.52 5.04 29.86
N GLY A 62 0.71 6.20 29.25
CA GLY A 62 -0.24 7.32 29.31
C GLY A 62 0.43 8.64 28.98
N PRO A 63 -0.17 9.78 29.39
CA PRO A 63 0.46 11.09 29.24
C PRO A 63 1.81 11.16 29.98
N ALA A 64 2.79 11.85 29.39
CA ALA A 64 4.19 11.95 29.87
C ALA A 64 4.21 12.28 31.37
N VAL A 65 3.36 13.21 31.81
CA VAL A 65 3.35 13.74 33.21
C VAL A 65 2.81 12.67 34.15
N GLU A 66 1.78 11.93 33.74
CA GLU A 66 1.23 10.79 34.52
C GLU A 66 2.30 9.70 34.71
N VAL A 67 2.96 9.31 33.62
CA VAL A 67 4.02 8.26 33.60
C VAL A 67 5.22 8.74 34.43
N GLU A 68 5.53 10.05 34.39
CA GLU A 68 6.63 10.67 35.18
C GLU A 68 6.38 10.48 36.68
N GLN A 69 5.11 10.41 37.10
CA GLN A 69 4.72 10.14 38.51
C GLN A 69 5.08 8.69 38.86
N ALA A 70 4.79 7.77 37.96
CA ALA A 70 5.12 6.33 38.11
C ALA A 70 6.64 6.17 38.29
N VAL A 71 7.45 6.96 37.57
CA VAL A 71 8.94 6.96 37.68
C VAL A 71 9.34 7.32 39.11
N GLN A 72 8.77 8.39 39.66
CA GLN A 72 9.06 8.90 41.03
C GLN A 72 8.57 7.88 42.07
N ALA A 73 7.68 6.96 41.69
CA ALA A 73 7.07 5.94 42.58
C ALA A 73 7.83 4.60 42.50
N LEU A 74 8.92 4.52 41.72
CA LEU A 74 9.80 3.32 41.68
C LEU A 74 10.65 3.26 42.96
N ASP A 75 11.15 2.08 43.31
CA ASP A 75 12.27 1.88 44.27
C ASP A 75 13.45 2.73 43.82
N PRO A 76 14.05 3.55 44.72
CA PRO A 76 15.21 4.37 44.36
C PRO A 76 16.34 3.64 43.61
N ALA A 77 16.60 2.38 43.94
CA ALA A 77 17.59 1.50 43.24
C ALA A 77 17.25 1.42 41.75
N VAL A 78 15.96 1.23 41.43
CA VAL A 78 15.43 1.08 40.04
C VAL A 78 15.55 2.44 39.34
N ARG A 79 15.10 3.52 39.97
CA ARG A 79 15.11 4.88 39.38
C ARG A 79 16.55 5.31 39.08
N ALA A 80 17.51 4.94 39.93
CA ALA A 80 18.92 5.37 39.84
C ALA A 80 19.56 4.89 38.52
N GLU A 81 19.11 3.74 38.00
CA GLU A 81 19.66 3.12 36.77
C GLU A 81 18.68 3.27 35.59
N LEU A 82 17.54 3.94 35.80
CA LEU A 82 16.56 4.25 34.72
C LEU A 82 17.29 4.85 33.51
N ARG A 83 17.11 4.28 32.31
CA ARG A 83 17.59 4.90 31.04
C ARG A 83 16.40 5.60 30.35
N ARG A 84 16.63 6.81 29.82
CA ARG A 84 15.60 7.61 29.09
C ARG A 84 15.85 7.50 27.59
N LEU A 85 14.85 7.05 26.84
CA LEU A 85 14.80 7.13 25.35
C LEU A 85 13.93 8.33 24.94
N ASP A 86 14.54 9.31 24.26
CA ASP A 86 13.83 10.48 23.68
C ASP A 86 13.10 10.02 22.41
N ALA A 87 11.77 9.93 22.46
CA ALA A 87 10.92 9.45 21.35
C ALA A 87 10.04 10.59 20.84
N SER A 88 10.41 11.84 21.08
CA SER A 88 9.62 13.05 20.70
C SER A 88 9.50 13.16 19.18
N ARG A 89 10.45 12.61 18.43
CA ARG A 89 10.42 12.60 16.95
C ARG A 89 9.89 11.25 16.45
N MET A 90 9.13 10.54 17.28
CA MET A 90 8.70 9.14 16.97
C MET A 90 7.24 8.89 17.37
N MET A 91 6.66 7.87 16.73
CA MET A 91 5.36 7.23 17.07
C MET A 91 5.70 5.89 17.72
N VAL A 92 4.97 5.50 18.77
CA VAL A 92 5.16 4.25 19.54
C VAL A 92 3.94 3.35 19.27
N LEU A 93 4.16 2.12 18.81
CA LEU A 93 3.10 1.12 18.53
C LEU A 93 3.36 -0.12 19.38
N PRO A 94 2.34 -0.95 19.66
CA PRO A 94 2.57 -2.30 20.16
C PRO A 94 3.27 -3.10 19.03
N GLY A 95 4.09 -4.07 19.41
CA GLY A 95 4.67 -5.05 18.47
C GLY A 95 3.60 -5.72 17.65
N PHE A 96 3.81 -5.89 16.34
CA PHE A 96 2.83 -6.56 15.46
C PHE A 96 2.83 -8.04 15.80
N VAL A 97 1.62 -8.60 15.89
CA VAL A 97 1.37 -10.05 16.06
C VAL A 97 0.87 -10.56 14.70
N ASN A 98 1.74 -11.26 13.97
CA ASN A 98 1.45 -11.86 12.64
C ASN A 98 1.12 -13.33 12.89
N ALA A 99 -0.17 -13.63 13.07
CA ALA A 99 -0.65 -14.91 13.63
C ALA A 99 -0.85 -15.94 12.50
N HIS A 100 -0.72 -15.53 11.24
CA HIS A 100 -0.90 -16.41 10.05
C HIS A 100 0.27 -16.18 9.10
N TRP A 101 1.28 -17.02 9.24
CA TRP A 101 2.53 -16.94 8.47
C TRP A 101 3.00 -18.34 8.10
N HIS A 102 3.71 -18.44 6.98
CA HIS A 102 4.35 -19.68 6.51
C HIS A 102 5.81 -19.37 6.17
N GLU A 103 6.73 -20.19 6.66
CA GLU A 103 8.15 -20.13 6.23
C GLU A 103 8.27 -20.90 4.91
N MET A 104 8.49 -20.18 3.81
CA MET A 104 8.49 -20.72 2.42
C MET A 104 9.74 -20.26 1.66
N PHE A 105 10.73 -19.66 2.32
CA PHE A 105 11.91 -19.05 1.62
C PHE A 105 12.74 -20.13 0.94
N ALA A 106 12.60 -21.40 1.32
CA ALA A 106 13.30 -22.54 0.66
C ALA A 106 12.87 -22.64 -0.81
N MET A 107 11.73 -22.06 -1.19
CA MET A 107 11.17 -22.16 -2.57
C MET A 107 11.49 -20.90 -3.39
N GLY A 108 12.44 -20.07 -2.95
CA GLY A 108 12.83 -18.80 -3.61
C GLY A 108 13.07 -18.91 -5.11
N PHE A 109 13.67 -20.01 -5.58
CA PHE A 109 14.05 -20.18 -7.01
C PHE A 109 12.89 -20.72 -7.86
N THR A 110 11.94 -21.42 -7.23
CA THR A 110 10.89 -22.23 -7.91
C THR A 110 9.55 -21.48 -7.89
N MET A 111 9.03 -21.16 -6.70
CA MET A 111 7.64 -20.67 -6.45
C MET A 111 7.56 -19.16 -6.75
N ARG A 112 7.15 -18.82 -7.97
CA ARG A 112 6.86 -17.42 -8.39
C ARG A 112 8.06 -16.54 -8.02
N GLY A 113 9.28 -17.01 -8.33
CA GLY A 113 10.50 -16.52 -7.65
C GLY A 113 11.60 -16.09 -8.60
N ALA A 114 12.81 -16.56 -8.32
CA ALA A 114 14.08 -15.96 -8.80
C ALA A 114 14.37 -16.35 -10.24
N LEU A 115 13.69 -17.34 -10.82
CA LEU A 115 14.00 -17.84 -12.21
C LEU A 115 13.06 -17.24 -13.27
N ARG A 116 12.05 -16.46 -12.86
CA ARG A 116 11.09 -15.84 -13.82
C ARG A 116 11.85 -14.86 -14.71
N PRO A 117 11.40 -14.63 -15.95
CA PRO A 117 11.99 -13.56 -16.77
C PRO A 117 11.63 -12.21 -16.15
N PRO A 118 12.48 -11.18 -16.32
CA PRO A 118 12.19 -9.85 -15.77
C PRO A 118 10.88 -9.25 -16.29
N SER A 119 10.53 -9.53 -17.55
CA SER A 119 9.24 -9.13 -18.16
C SER A 119 8.11 -9.99 -17.58
N ASP A 120 6.99 -9.36 -17.21
CA ASP A 120 5.79 -10.02 -16.62
C ASP A 120 4.74 -10.31 -17.72
N ARG A 121 5.03 -9.99 -18.99
CA ARG A 121 3.97 -9.89 -20.05
C ARG A 121 3.37 -11.27 -20.37
N ALA A 122 4.15 -12.35 -20.26
CA ALA A 122 3.70 -13.72 -20.61
C ALA A 122 3.09 -14.43 -19.40
N ASP A 123 2.86 -13.74 -18.28
CA ASP A 123 2.31 -14.37 -17.04
C ASP A 123 0.90 -14.90 -17.32
N GLN A 124 0.52 -15.99 -16.67
CA GLN A 124 -0.79 -16.65 -16.85
C GLN A 124 -1.45 -16.79 -15.49
N VAL A 125 -2.78 -16.89 -15.46
CA VAL A 125 -3.56 -17.28 -14.26
C VAL A 125 -3.12 -18.69 -13.87
N ALA A 126 -2.63 -18.87 -12.65
CA ALA A 126 -2.13 -20.17 -12.15
C ALA A 126 -2.50 -20.33 -10.67
N PHE A 127 -2.42 -21.57 -10.19
CA PHE A 127 -2.39 -21.98 -8.76
C PHE A 127 -3.65 -21.49 -8.04
N MET A 128 -3.56 -20.41 -7.26
CA MET A 128 -4.71 -19.89 -6.45
C MET A 128 -5.64 -19.05 -7.33
N GLY A 129 -5.20 -18.67 -8.53
CA GLY A 129 -5.91 -17.71 -9.38
C GLY A 129 -7.11 -18.32 -10.08
N GLY A 130 -8.01 -17.47 -10.60
CA GLY A 130 -9.20 -17.87 -11.37
C GLY A 130 -10.12 -18.84 -10.62
N GLY A 131 -10.23 -18.73 -9.31
CA GLY A 131 -11.10 -19.60 -8.49
C GLY A 131 -10.33 -20.68 -7.78
N GLY A 132 -9.13 -21.01 -8.27
CA GLY A 132 -8.24 -22.02 -7.66
C GLY A 132 -8.18 -23.29 -8.48
N ASP A 133 -6.96 -23.77 -8.77
CA ASP A 133 -6.73 -25.12 -9.36
C ASP A 133 -6.60 -26.11 -8.19
N MET A 134 -7.72 -26.70 -7.75
CA MET A 134 -7.82 -27.43 -6.47
C MET A 134 -6.97 -28.72 -6.50
N HIS A 135 -6.86 -29.39 -7.63
CA HIS A 135 -6.01 -30.60 -7.80
C HIS A 135 -4.54 -30.23 -7.59
N GLN A 136 -4.06 -29.18 -8.25
CA GLN A 136 -2.66 -28.71 -8.16
C GLN A 136 -2.36 -28.24 -6.72
N ILE A 137 -3.28 -27.49 -6.11
CA ILE A 137 -3.11 -26.99 -4.72
C ILE A 137 -2.99 -28.19 -3.78
N SER A 138 -3.91 -29.14 -3.89
CA SER A 138 -3.98 -30.33 -3.00
C SER A 138 -2.67 -31.12 -3.11
N ALA A 139 -2.24 -31.40 -4.35
CA ALA A 139 -1.04 -32.20 -4.68
C ALA A 139 0.21 -31.50 -4.14
N THR A 140 0.32 -30.19 -4.38
CA THR A 140 1.44 -29.35 -3.89
C THR A 140 1.54 -29.47 -2.37
N PHE A 141 0.43 -29.31 -1.65
CA PHE A 141 0.43 -29.36 -0.16
C PHE A 141 0.81 -30.76 0.32
N ASP A 142 0.48 -31.82 -0.42
CA ASP A 142 0.77 -33.20 0.04
C ASP A 142 2.28 -33.49 -0.12
N ARG A 143 2.99 -32.74 -0.97
CA ARG A 143 4.44 -32.91 -1.26
C ARG A 143 5.34 -32.26 -0.18
N PHE A 144 4.81 -31.44 0.72
CA PHE A 144 5.63 -30.67 1.71
C PHE A 144 6.45 -31.62 2.60
N ASP A 145 5.85 -32.68 3.14
CA ASP A 145 6.54 -33.60 4.09
C ASP A 145 7.82 -34.12 3.45
N GLY A 146 7.76 -34.55 2.18
CA GLY A 146 8.90 -35.03 1.38
C GLY A 146 10.00 -33.98 1.23
N LEU A 147 9.66 -32.71 1.00
CA LEU A 147 10.67 -31.62 0.82
C LEU A 147 11.28 -31.24 2.17
N ILE A 148 10.51 -31.23 3.25
CA ILE A 148 11.05 -30.92 4.61
C ILE A 148 12.10 -31.97 4.96
N GLU A 149 11.82 -33.23 4.66
CA GLU A 149 12.69 -34.42 4.93
C GLU A 149 14.02 -34.27 4.17
N ALA A 150 14.03 -33.67 2.98
CA ALA A 150 15.23 -33.53 2.12
C ALA A 150 16.15 -32.40 2.61
N MET A 151 15.71 -31.62 3.59
CA MET A 151 16.40 -30.43 4.13
C MET A 151 17.39 -30.86 5.23
N THR A 152 18.60 -30.30 5.24
CA THR A 152 19.55 -30.49 6.38
C THR A 152 19.11 -29.57 7.51
N GLU A 153 19.52 -29.86 8.74
CA GLU A 153 19.24 -29.01 9.93
C GLU A 153 19.85 -27.62 9.70
N ASP A 154 21.06 -27.53 9.12
CA ASP A 154 21.75 -26.23 8.85
C ASP A 154 21.00 -25.44 7.78
N GLU A 155 20.48 -26.10 6.74
CA GLU A 155 19.70 -25.43 5.66
C GLU A 155 18.44 -24.82 6.29
N ALA A 156 17.71 -25.62 7.06
CA ALA A 156 16.48 -25.24 7.78
C ALA A 156 16.76 -24.02 8.66
N ARG A 157 17.78 -24.07 9.51
CA ARG A 157 18.15 -22.99 10.47
C ARG A 157 18.49 -21.72 9.69
N ALA A 158 19.33 -21.82 8.66
CA ALA A 158 19.82 -20.64 7.92
C ALA A 158 18.65 -19.98 7.19
N ILE A 159 17.75 -20.76 6.60
CA ILE A 159 16.57 -20.23 5.85
C ILE A 159 15.56 -19.67 6.85
N ALA A 160 15.26 -20.39 7.93
CA ALA A 160 14.31 -19.95 8.98
C ALA A 160 14.77 -18.60 9.56
N GLU A 161 16.04 -18.48 9.90
CA GLU A 161 16.57 -17.32 10.64
C GLU A 161 16.40 -16.07 9.77
N TYR A 162 16.74 -16.17 8.49
CA TYR A 162 16.66 -15.02 7.56
C TYR A 162 15.18 -14.65 7.35
N SER A 163 14.33 -15.63 7.08
CA SER A 163 12.86 -15.50 6.83
C SER A 163 12.21 -14.81 8.03
N MET A 164 12.59 -15.21 9.25
CA MET A 164 11.98 -14.68 10.50
C MET A 164 12.60 -13.32 10.83
N TRP A 165 13.85 -13.08 10.44
CA TRP A 165 14.50 -11.75 10.59
C TRP A 165 13.69 -10.73 9.77
N ILE A 166 13.27 -11.09 8.57
CA ILE A 166 12.47 -10.18 7.67
C ILE A 166 11.17 -9.78 8.41
N GLN A 167 10.47 -10.72 9.03
CA GLN A 167 9.27 -10.42 9.85
C GLN A 167 9.65 -9.44 10.97
N LEU A 168 10.70 -9.71 11.72
CA LEU A 168 11.15 -8.89 12.88
C LEU A 168 11.50 -7.47 12.41
N ARG A 169 12.24 -7.35 11.31
CA ARG A 169 12.66 -6.06 10.71
C ARG A 169 11.43 -5.20 10.42
N GLY A 170 10.31 -5.83 10.02
CA GLY A 170 9.04 -5.15 9.69
C GLY A 170 8.15 -4.94 10.90
N GLY A 171 8.63 -5.18 12.12
CA GLY A 171 7.91 -4.84 13.36
C GLY A 171 7.16 -6.03 13.96
N VAL A 172 7.29 -7.23 13.41
CA VAL A 172 6.59 -8.43 13.96
C VAL A 172 7.39 -8.93 15.17
N THR A 173 6.81 -8.87 16.37
CA THR A 173 7.48 -9.31 17.62
C THR A 173 6.91 -10.67 18.04
N THR A 174 5.72 -11.02 17.57
CA THR A 174 5.08 -12.34 17.81
C THR A 174 4.62 -12.92 16.48
N LEU A 175 5.17 -14.06 16.09
CA LEU A 175 4.95 -14.70 14.76
C LEU A 175 4.30 -16.08 14.97
N GLY A 176 3.24 -16.37 14.21
CA GLY A 176 2.44 -17.61 14.28
C GLY A 176 2.59 -18.43 13.01
N ASP A 177 3.20 -19.60 13.14
CA ASP A 177 3.41 -20.57 12.03
C ASP A 177 2.08 -21.30 11.80
N MET A 178 1.54 -21.26 10.59
CA MET A 178 0.31 -22.02 10.21
C MET A 178 0.65 -23.04 9.11
N GLY A 179 1.88 -23.55 9.14
CA GLY A 179 2.35 -24.68 8.31
C GLY A 179 3.45 -24.23 7.38
N SER A 180 4.68 -24.67 7.63
CA SER A 180 5.89 -24.15 6.93
C SER A 180 6.59 -25.29 6.16
N LEU A 181 7.24 -24.92 5.05
CA LEU A 181 8.25 -25.75 4.32
C LEU A 181 9.59 -25.61 5.06
N ASN A 182 9.65 -26.09 6.30
CA ASN A 182 10.85 -25.98 7.15
C ASN A 182 10.72 -26.97 8.31
N ARG A 183 11.82 -27.24 9.02
CA ARG A 183 11.81 -28.10 10.22
C ARG A 183 11.32 -27.28 11.40
N PRO A 184 10.27 -27.74 12.10
CA PRO A 184 9.74 -27.02 13.27
C PRO A 184 10.82 -26.57 14.27
N LEU A 185 11.72 -27.47 14.68
CA LEU A 185 12.74 -27.15 15.71
C LEU A 185 13.81 -26.20 15.16
N ALA A 186 14.10 -26.21 13.85
CA ALA A 186 14.94 -25.17 13.20
C ALA A 186 14.31 -23.79 13.38
N MET A 187 12.99 -23.70 13.19
CA MET A 187 12.27 -22.41 13.30
C MET A 187 12.22 -21.98 14.78
N VAL A 188 12.07 -22.91 15.72
CA VAL A 188 12.10 -22.60 17.19
C VAL A 188 13.48 -22.03 17.54
N GLU A 189 14.54 -22.67 17.08
CA GLU A 189 15.95 -22.24 17.30
C GLU A 189 16.18 -20.85 16.71
N ALA A 190 15.67 -20.58 15.50
CA ALA A 190 15.79 -19.26 14.85
C ALA A 190 15.13 -18.17 15.72
N ALA A 191 13.95 -18.47 16.26
CA ALA A 191 13.16 -17.56 17.12
C ALA A 191 13.93 -17.29 18.42
N ARG A 192 14.44 -18.35 19.06
CA ARG A 192 15.26 -18.24 20.29
C ARG A 192 16.42 -17.28 20.02
N ARG A 193 17.13 -17.46 18.89
CA ARG A 193 18.38 -16.72 18.56
C ARG A 193 18.05 -15.25 18.24
N LEU A 194 16.95 -14.97 17.55
CA LEU A 194 16.60 -13.60 17.08
C LEU A 194 16.00 -12.78 18.23
N GLY A 195 15.42 -13.43 19.23
CA GLY A 195 14.87 -12.78 20.43
C GLY A 195 13.40 -12.44 20.28
N MET A 196 12.72 -12.95 19.25
CA MET A 196 11.28 -12.70 19.01
C MET A 196 10.42 -13.83 19.59
N ARG A 197 9.09 -13.66 19.59
CA ARG A 197 8.11 -14.66 20.08
C ARG A 197 7.61 -15.50 18.89
N PHE A 198 7.44 -16.80 19.09
CA PHE A 198 7.07 -17.74 18.01
C PHE A 198 6.07 -18.78 18.52
N SER A 199 4.95 -18.92 17.80
CA SER A 199 4.03 -20.07 17.89
C SER A 199 4.40 -21.07 16.78
N ALA A 200 5.10 -22.15 17.15
CA ALA A 200 5.59 -23.20 16.23
C ALA A 200 4.44 -24.15 15.89
N SER A 201 4.46 -24.70 14.69
CA SER A 201 3.54 -25.79 14.27
C SER A 201 4.34 -26.84 13.49
N THR A 202 3.66 -27.90 13.06
CA THR A 202 4.17 -28.93 12.13
C THR A 202 3.25 -28.96 10.91
N TRP A 203 3.73 -29.50 9.80
CA TRP A 203 2.95 -29.69 8.56
C TRP A 203 1.96 -30.85 8.75
N ALA A 204 0.68 -30.63 8.46
CA ALA A 204 -0.39 -31.66 8.59
C ALA A 204 -1.21 -31.78 7.29
N SER A 205 -0.99 -32.87 6.56
CA SER A 205 -1.72 -33.24 5.32
C SER A 205 -1.87 -34.77 5.30
N ASP A 206 -3.08 -35.32 5.30
CA ASP A 206 -3.29 -36.79 5.27
C ASP A 206 -4.29 -37.18 4.18
N ALA A 207 -4.57 -36.30 3.21
CA ALA A 207 -5.44 -36.60 2.04
C ALA A 207 -5.04 -35.73 0.85
N VAL A 208 -5.32 -36.20 -0.37
CA VAL A 208 -5.05 -35.45 -1.64
C VAL A 208 -6.26 -35.66 -2.56
N LEU A 209 -6.65 -34.62 -3.31
CA LEU A 209 -7.71 -34.67 -4.36
C LEU A 209 -7.04 -35.00 -5.69
N ALA A 210 -7.06 -36.28 -6.08
CA ALA A 210 -6.45 -36.79 -7.33
C ALA A 210 -7.48 -36.78 -8.46
N PRO A 211 -7.14 -36.25 -9.66
CA PRO A 211 -8.10 -36.14 -10.76
C PRO A 211 -8.62 -37.50 -11.28
N ASP A 212 -7.84 -38.57 -11.12
CA ASP A 212 -8.22 -39.95 -11.58
C ASP A 212 -9.22 -40.57 -10.61
N ARG A 213 -9.55 -39.92 -9.49
CA ARG A 213 -10.47 -40.46 -8.45
C ARG A 213 -11.73 -39.57 -8.33
N SER A 214 -12.81 -40.12 -7.79
CA SER A 214 -14.05 -39.40 -7.41
C SER A 214 -14.20 -39.29 -5.88
N ARG A 215 -13.19 -39.73 -5.12
CA ARG A 215 -13.13 -39.54 -3.65
C ARG A 215 -11.70 -39.21 -3.24
N PHE A 216 -11.54 -38.60 -2.07
CA PHE A 216 -10.22 -38.17 -1.53
C PHE A 216 -9.35 -39.42 -1.44
N LEU A 217 -8.05 -39.30 -1.75
CA LEU A 217 -7.07 -40.39 -1.51
C LEU A 217 -6.42 -40.11 -0.16
N ARG A 218 -6.55 -41.01 0.81
CA ARG A 218 -5.85 -40.91 2.12
C ARG A 218 -4.36 -41.16 1.89
N THR A 219 -3.47 -40.31 2.39
CA THR A 219 -2.01 -40.34 2.10
C THR A 219 -1.20 -40.72 3.33
N ARG A 220 -1.75 -40.57 4.55
CA ARG A 220 -1.01 -40.80 5.83
C ARG A 220 -1.96 -41.25 6.92
N ASP A 221 -1.42 -41.91 7.93
CA ASP A 221 -2.14 -42.22 9.19
C ASP A 221 -2.28 -40.91 9.96
N ALA A 222 -3.51 -40.54 10.31
CA ALA A 222 -3.80 -39.34 11.14
C ALA A 222 -2.92 -39.38 12.41
N ASP A 223 -2.71 -40.57 13.00
CA ASP A 223 -1.98 -40.77 14.28
C ASP A 223 -0.50 -40.39 14.13
N THR A 224 0.10 -40.63 12.96
CA THR A 224 1.51 -40.24 12.66
C THR A 224 1.60 -38.71 12.60
N VAL A 225 0.68 -38.08 11.87
CA VAL A 225 0.62 -36.60 11.76
C VAL A 225 0.44 -36.01 13.16
N LEU A 226 -0.45 -36.57 13.98
CA LEU A 226 -0.68 -36.07 15.37
C LEU A 226 0.55 -36.31 16.26
N ALA A 227 1.25 -37.42 16.10
CA ALA A 227 2.47 -37.76 16.87
C ALA A 227 3.58 -36.73 16.59
N SER A 228 3.76 -36.31 15.34
CA SER A 228 4.73 -35.25 14.94
C SER A 228 4.46 -33.97 15.75
N PHE A 229 3.19 -33.55 15.85
CA PHE A 229 2.87 -32.31 16.58
C PHE A 229 3.16 -32.52 18.07
N GLU A 230 2.89 -33.72 18.60
CA GLU A 230 3.14 -34.03 20.04
C GLU A 230 4.64 -34.02 20.33
N ALA A 231 5.48 -34.44 19.39
CA ALA A 231 6.96 -34.41 19.53
C ALA A 231 7.42 -32.93 19.64
N LEU A 232 6.88 -32.05 18.78
CA LEU A 232 7.14 -30.58 18.86
C LEU A 232 6.66 -30.06 20.21
N LEU A 233 5.44 -30.40 20.62
CA LEU A 233 4.86 -29.89 21.89
C LEU A 233 5.77 -30.30 23.06
N GLY A 234 6.27 -31.54 23.05
CA GLY A 234 7.16 -32.07 24.10
C GLY A 234 8.49 -31.36 24.13
N ALA A 235 9.05 -31.03 22.96
CA ALA A 235 10.36 -30.35 22.79
C ALA A 235 10.29 -28.91 23.34
N VAL A 236 9.19 -28.19 23.13
CA VAL A 236 9.12 -26.76 23.56
C VAL A 236 8.50 -26.65 24.96
N ALA A 237 7.99 -27.74 25.55
CA ALA A 237 7.25 -27.73 26.84
C ALA A 237 8.11 -27.13 27.94
N ALA A 238 9.41 -27.40 27.94
CA ALA A 238 10.38 -26.98 28.98
C ALA A 238 10.73 -25.50 28.84
N ASP A 239 10.55 -24.89 27.66
CA ASP A 239 11.14 -23.56 27.31
C ASP A 239 10.76 -22.51 28.36
N PRO A 240 11.73 -21.89 29.05
CA PRO A 240 11.42 -20.96 30.14
C PRO A 240 11.37 -19.47 29.76
N THR A 241 11.65 -19.13 28.49
CA THR A 241 11.85 -17.73 28.03
C THR A 241 10.51 -16.98 27.96
N GLY A 242 9.39 -17.70 27.86
CA GLY A 242 8.05 -17.15 27.59
C GLY A 242 7.92 -16.72 26.14
N ARG A 243 8.87 -17.11 25.27
CA ARG A 243 8.93 -16.63 23.87
C ARG A 243 8.50 -17.72 22.90
N ILE A 244 8.35 -18.98 23.32
CA ILE A 244 8.00 -20.11 22.40
C ILE A 244 6.70 -20.76 22.89
N ARG A 245 5.71 -20.83 22.00
CA ARG A 245 4.48 -21.64 22.19
C ARG A 245 4.32 -22.54 20.97
N CYS A 246 3.27 -23.33 20.93
CA CYS A 246 2.90 -24.02 19.68
C CYS A 246 1.38 -24.15 19.55
N ARG A 247 0.97 -24.34 18.30
CA ARG A 247 -0.43 -24.38 17.87
C ARG A 247 -0.49 -25.38 16.72
N PRO A 248 -1.27 -26.46 16.85
CA PRO A 248 -1.46 -27.40 15.76
C PRO A 248 -2.29 -26.75 14.65
N ASN A 249 -1.97 -27.07 13.41
CA ASN A 249 -2.76 -26.64 12.23
C ASN A 249 -3.05 -27.85 11.35
N VAL A 250 -4.08 -27.72 10.51
CA VAL A 250 -4.27 -28.55 9.30
C VAL A 250 -3.97 -27.66 8.09
N SER A 251 -3.14 -28.14 7.17
CA SER A 251 -2.70 -27.39 5.96
C SER A 251 -3.94 -26.71 5.35
N TYR A 252 -4.91 -27.52 4.97
CA TYR A 252 -6.11 -27.11 4.20
C TYR A 252 -7.15 -28.22 4.34
N VAL A 253 -8.42 -27.87 4.42
CA VAL A 253 -9.53 -28.84 4.63
C VAL A 253 -9.61 -29.83 3.46
N THR A 254 -9.09 -29.50 2.28
CA THR A 254 -9.01 -30.46 1.14
C THR A 254 -8.13 -31.65 1.53
N ASN A 255 -7.10 -31.42 2.34
CA ASN A 255 -6.03 -32.40 2.63
C ASN A 255 -6.20 -32.93 4.05
N MET A 256 -7.43 -32.94 4.55
CA MET A 256 -7.76 -33.34 5.94
C MET A 256 -8.81 -34.46 5.90
N THR A 257 -8.56 -35.57 6.57
CA THR A 257 -9.55 -36.66 6.75
C THR A 257 -10.38 -36.35 7.99
N ASP A 258 -11.50 -37.04 8.14
CA ASP A 258 -12.36 -36.96 9.36
C ASP A 258 -11.51 -37.39 10.57
N GLU A 259 -10.58 -38.33 10.38
CA GLU A 259 -9.78 -38.94 11.48
C GLU A 259 -8.75 -37.91 11.94
N LEU A 260 -8.12 -37.18 11.01
CA LEU A 260 -7.21 -36.07 11.36
C LEU A 260 -8.01 -34.99 12.11
N ALA A 261 -9.20 -34.63 11.63
CA ALA A 261 -10.02 -33.55 12.22
C ALA A 261 -10.39 -33.95 13.67
N ARG A 262 -10.87 -35.17 13.88
CA ARG A 262 -11.32 -35.65 15.23
C ARG A 262 -10.10 -35.72 16.16
N GLY A 263 -8.95 -36.15 15.64
CA GLY A 263 -7.67 -36.22 16.38
C GLY A 263 -7.21 -34.85 16.82
N MET A 264 -7.26 -33.85 15.92
CA MET A 264 -6.89 -32.47 16.26
C MET A 264 -7.79 -31.97 17.39
N ALA A 265 -9.10 -32.15 17.26
CA ALA A 265 -10.10 -31.76 18.29
C ALA A 265 -9.69 -32.37 19.63
N GLU A 266 -9.35 -33.66 19.67
CA GLU A 266 -9.01 -34.37 20.93
C GLU A 266 -7.70 -33.76 21.48
N LEU A 267 -6.70 -33.54 20.61
CA LEU A 267 -5.38 -32.99 21.01
C LEU A 267 -5.55 -31.61 21.64
N VAL A 268 -6.34 -30.71 21.03
CA VAL A 268 -6.43 -29.29 21.47
C VAL A 268 -7.23 -29.21 22.77
N GLU A 269 -8.19 -30.12 22.98
CA GLU A 269 -8.95 -30.25 24.27
C GLU A 269 -7.97 -30.75 25.34
N ARG A 270 -7.23 -31.82 25.08
CA ARG A 270 -6.33 -32.46 26.07
C ARG A 270 -5.25 -31.46 26.52
N HIS A 271 -4.63 -30.73 25.58
CA HIS A 271 -3.47 -29.85 25.86
C HIS A 271 -3.90 -28.38 26.03
N ASP A 272 -5.19 -28.08 25.86
CA ASP A 272 -5.76 -26.71 26.00
C ASP A 272 -4.99 -25.76 25.07
N LEU A 273 -5.06 -25.99 23.75
CA LEU A 273 -4.28 -25.23 22.72
C LEU A 273 -5.23 -24.48 21.80
N PRO A 274 -4.74 -23.43 21.10
CA PRO A 274 -5.44 -22.92 19.92
C PRO A 274 -5.35 -23.94 18.77
N PHE A 275 -6.06 -23.67 17.69
CA PHE A 275 -6.09 -24.50 16.45
C PHE A 275 -6.23 -23.55 15.26
N ALA A 276 -5.57 -23.87 14.14
CA ALA A 276 -5.58 -23.05 12.91
C ALA A 276 -5.70 -23.96 11.69
N THR A 277 -6.39 -23.50 10.66
CA THR A 277 -6.44 -24.15 9.34
C THR A 277 -6.82 -23.10 8.31
N HIS A 278 -6.70 -23.44 7.03
CA HIS A 278 -7.22 -22.69 5.86
C HIS A 278 -8.55 -23.31 5.48
N VAL A 279 -9.58 -22.48 5.30
CA VAL A 279 -10.96 -22.92 4.98
C VAL A 279 -11.67 -21.76 4.28
N GLY A 280 -12.59 -22.08 3.36
CA GLY A 280 -13.31 -21.10 2.53
C GLY A 280 -12.36 -20.11 1.88
N ALA A 281 -11.23 -20.60 1.39
CA ALA A 281 -10.15 -19.74 0.85
C ALA A 281 -10.43 -19.41 -0.63
N LEU A 282 -11.06 -20.30 -1.38
CA LEU A 282 -11.10 -20.20 -2.87
C LEU A 282 -12.52 -20.46 -3.36
N ARG A 283 -12.87 -19.84 -4.50
CA ARG A 283 -14.20 -20.02 -5.13
C ARG A 283 -14.44 -21.50 -5.42
N ASN A 284 -13.46 -22.24 -5.95
CA ASN A 284 -13.63 -23.64 -6.42
C ASN A 284 -13.52 -24.63 -5.27
N GLU A 285 -13.29 -24.18 -4.05
CA GLU A 285 -13.07 -25.07 -2.87
C GLU A 285 -14.32 -25.89 -2.57
N ALA A 286 -15.47 -25.25 -2.35
CA ALA A 286 -16.74 -25.90 -1.92
C ALA A 286 -17.10 -27.05 -2.89
N ASP A 287 -16.99 -26.82 -4.19
CA ASP A 287 -17.33 -27.82 -5.23
C ASP A 287 -16.38 -29.03 -5.12
N ALA A 288 -15.07 -28.81 -4.95
CA ALA A 288 -14.09 -29.90 -4.81
C ALA A 288 -14.34 -30.64 -3.50
N MET A 289 -14.63 -29.90 -2.42
CA MET A 289 -14.92 -30.46 -1.07
C MET A 289 -16.14 -31.39 -1.13
N ARG A 290 -17.22 -30.96 -1.77
CA ARG A 290 -18.46 -31.77 -1.91
C ARG A 290 -18.17 -33.01 -2.76
N ALA A 291 -17.42 -32.87 -3.85
CA ALA A 291 -17.12 -33.95 -4.81
C ALA A 291 -16.25 -35.04 -4.14
N TYR A 292 -15.25 -34.67 -3.35
CA TYR A 292 -14.23 -35.61 -2.83
C TYR A 292 -14.47 -35.99 -1.36
N HIS A 293 -15.08 -35.12 -0.55
CA HIS A 293 -15.33 -35.36 0.90
C HIS A 293 -16.83 -35.44 1.19
N GLY A 294 -17.67 -34.97 0.27
CA GLY A 294 -19.14 -34.98 0.41
C GLY A 294 -19.64 -33.86 1.30
N GLU A 295 -18.79 -32.91 1.68
CA GLU A 295 -19.17 -31.83 2.64
C GLU A 295 -18.13 -30.70 2.55
N THR A 296 -18.58 -29.45 2.75
CA THR A 296 -17.72 -28.22 2.71
C THR A 296 -16.88 -28.13 3.99
N GLY A 297 -15.83 -27.31 3.95
CA GLY A 297 -14.79 -27.20 4.97
C GLY A 297 -15.33 -26.93 6.36
N VAL A 298 -16.14 -25.88 6.50
CA VAL A 298 -16.57 -25.40 7.84
C VAL A 298 -17.47 -26.46 8.48
N ARG A 299 -18.37 -27.08 7.71
CA ARG A 299 -19.30 -28.14 8.22
C ARG A 299 -18.47 -29.35 8.68
N ARG A 300 -17.42 -29.74 7.94
CA ARG A 300 -16.52 -30.87 8.35
C ARG A 300 -15.81 -30.50 9.65
N LEU A 301 -15.32 -29.26 9.78
CA LEU A 301 -14.66 -28.80 11.03
C LEU A 301 -15.69 -28.84 12.17
N ALA A 302 -16.90 -28.35 11.91
CA ALA A 302 -18.01 -28.29 12.89
C ALA A 302 -18.36 -29.71 13.38
N GLU A 303 -18.45 -30.70 12.48
CA GLU A 303 -18.70 -32.13 12.82
C GLU A 303 -17.62 -32.68 13.78
N ALA A 304 -16.35 -32.33 13.53
CA ALA A 304 -15.19 -32.75 14.36
C ALA A 304 -15.21 -32.03 15.73
N GLY A 305 -15.98 -30.95 15.88
CA GLY A 305 -16.00 -30.10 17.10
C GLY A 305 -14.88 -29.06 17.11
N LEU A 306 -14.42 -28.60 15.95
CA LEU A 306 -13.28 -27.65 15.80
C LEU A 306 -13.74 -26.20 15.55
N VAL A 307 -15.04 -25.96 15.31
CA VAL A 307 -15.56 -24.58 15.08
C VAL A 307 -16.01 -24.00 16.43
N ASP A 308 -15.06 -23.41 17.15
CA ASP A 308 -15.22 -22.86 18.52
C ASP A 308 -14.16 -21.76 18.70
N GLU A 309 -14.01 -21.23 19.93
CA GLU A 309 -13.15 -20.07 20.21
C GLU A 309 -11.67 -20.40 19.96
N ARG A 310 -11.27 -21.68 19.85
CA ARG A 310 -9.86 -22.06 19.60
C ARG A 310 -9.46 -21.78 18.14
N LEU A 311 -10.44 -21.74 17.23
CA LEU A 311 -10.21 -21.79 15.77
C LEU A 311 -9.75 -20.42 15.27
N MET A 312 -8.60 -20.39 14.61
CA MET A 312 -8.24 -19.32 13.65
C MET A 312 -8.35 -19.90 12.23
N ALA A 313 -9.34 -19.42 11.48
CA ALA A 313 -9.63 -19.83 10.10
C ALA A 313 -8.93 -18.85 9.16
N GLY A 314 -7.93 -19.32 8.42
CA GLY A 314 -7.26 -18.53 7.38
C GLY A 314 -8.20 -18.29 6.22
N HIS A 315 -8.43 -17.01 5.89
CA HIS A 315 -9.17 -16.50 4.70
C HIS A 315 -10.66 -16.52 4.98
N SER A 316 -11.31 -17.68 4.93
CA SER A 316 -12.68 -17.94 5.44
C SER A 316 -13.70 -16.98 4.80
N ALA A 317 -13.62 -16.80 3.48
CA ALA A 317 -14.46 -15.87 2.69
C ALA A 317 -15.60 -16.61 1.98
N PHE A 318 -15.36 -17.83 1.50
CA PHE A 318 -16.35 -18.63 0.72
C PHE A 318 -17.13 -19.53 1.68
N LEU A 319 -18.03 -18.89 2.44
CA LEU A 319 -18.91 -19.52 3.46
C LEU A 319 -20.36 -19.21 3.07
N ASP A 320 -21.23 -20.21 3.04
CA ASP A 320 -22.69 -20.02 2.82
C ASP A 320 -23.31 -19.57 4.15
N ASP A 321 -24.62 -19.36 4.16
CA ASP A 321 -25.38 -18.81 5.31
C ASP A 321 -25.16 -19.68 6.55
N GLN A 322 -25.32 -21.00 6.42
CA GLN A 322 -25.19 -21.91 7.60
C GLN A 322 -23.75 -21.84 8.18
N GLU A 323 -22.72 -21.80 7.33
CA GLU A 323 -21.30 -21.80 7.76
C GLU A 323 -20.97 -20.49 8.48
N GLN A 324 -21.46 -19.36 7.98
CA GLN A 324 -21.32 -18.04 8.66
C GLN A 324 -21.94 -18.12 10.06
N LYS A 325 -23.15 -18.68 10.16
CA LYS A 325 -23.89 -18.90 11.43
C LYS A 325 -23.06 -19.76 12.41
N LEU A 326 -22.43 -20.83 11.91
CA LEU A 326 -21.56 -21.72 12.72
C LEU A 326 -20.36 -20.93 13.27
N MET A 327 -19.73 -20.09 12.44
CA MET A 327 -18.55 -19.27 12.83
C MET A 327 -18.97 -18.29 13.95
N LEU A 328 -20.10 -17.60 13.78
CA LEU A 328 -20.61 -16.62 14.79
C LEU A 328 -20.99 -17.36 16.09
N ALA A 329 -21.73 -18.45 15.98
CA ALA A 329 -22.20 -19.24 17.16
C ALA A 329 -20.99 -19.81 17.94
N GLY A 330 -19.94 -20.27 17.25
CA GLY A 330 -18.72 -20.80 17.88
C GLY A 330 -17.80 -19.71 18.40
N ARG A 331 -17.99 -18.45 18.01
CA ARG A 331 -17.10 -17.30 18.37
C ARG A 331 -15.70 -17.63 17.84
N ALA A 332 -15.61 -18.19 16.63
CA ALA A 332 -14.34 -18.52 15.97
C ALA A 332 -13.67 -17.20 15.55
N HIS A 333 -12.48 -17.31 14.98
CA HIS A 333 -11.59 -16.19 14.59
C HIS A 333 -11.25 -16.35 13.11
N ILE A 334 -11.25 -15.27 12.34
CA ILE A 334 -10.79 -15.26 10.92
C ILE A 334 -9.53 -14.40 10.83
N SER A 335 -8.50 -14.94 10.18
CA SER A 335 -7.27 -14.21 9.79
C SER A 335 -7.39 -13.87 8.32
N HIS A 336 -7.26 -12.60 7.97
CA HIS A 336 -7.49 -12.06 6.61
C HIS A 336 -6.21 -11.43 6.11
N SER A 337 -5.89 -11.62 4.83
CA SER A 337 -4.62 -11.20 4.19
C SER A 337 -4.91 -10.35 2.97
N PRO A 338 -5.66 -9.21 3.13
CA PRO A 338 -6.12 -8.43 1.97
C PRO A 338 -4.97 -7.76 1.20
N GLY A 339 -3.78 -7.71 1.80
CA GLY A 339 -2.56 -7.18 1.15
C GLY A 339 -2.06 -8.04 -0.01
N LYS A 340 -2.41 -9.33 -0.04
CA LYS A 340 -1.73 -10.31 -0.95
C LYS A 340 -2.72 -11.04 -1.86
N TYR A 341 -4.04 -10.84 -1.73
CA TYR A 341 -5.03 -11.60 -2.55
C TYR A 341 -4.83 -11.27 -4.04
N GLY A 342 -4.70 -9.99 -4.39
CA GLY A 342 -4.67 -9.57 -5.80
C GLY A 342 -3.53 -10.25 -6.57
N PRO A 343 -2.28 -10.09 -6.09
CA PRO A 343 -1.12 -10.70 -6.74
C PRO A 343 -1.12 -12.25 -6.85
N SER A 344 -1.91 -12.94 -6.02
N SER A 344 -1.91 -12.94 -6.02
CA SER A 344 -2.13 -14.41 -6.08
CA SER A 344 -2.14 -14.41 -6.07
C SER A 344 -3.34 -14.76 -6.95
C SER A 344 -3.34 -14.76 -6.95
N GLY A 345 -4.17 -13.78 -7.31
CA GLY A 345 -5.41 -14.00 -8.08
C GLY A 345 -6.55 -14.55 -7.20
N GLU A 346 -6.42 -14.50 -5.88
CA GLU A 346 -7.47 -14.87 -4.91
C GLU A 346 -8.51 -13.74 -4.83
N SER A 347 -9.74 -14.07 -4.48
CA SER A 347 -10.90 -13.14 -4.46
C SER A 347 -11.59 -13.23 -3.09
N ALA A 348 -10.80 -13.39 -2.03
CA ALA A 348 -11.26 -13.68 -0.65
C ALA A 348 -11.69 -12.40 0.06
N LEU A 349 -11.79 -11.27 -0.66
CA LEU A 349 -12.33 -10.00 -0.09
C LEU A 349 -13.69 -9.65 -0.71
N THR A 350 -13.76 -9.35 -2.02
CA THR A 350 -14.91 -8.64 -2.65
C THR A 350 -15.89 -9.61 -3.31
N GLU A 351 -15.47 -10.82 -3.69
CA GLU A 351 -16.33 -11.74 -4.47
C GLU A 351 -17.54 -12.13 -3.62
N THR A 352 -17.37 -12.25 -2.29
CA THR A 352 -18.46 -12.62 -1.34
C THR A 352 -18.71 -11.50 -0.31
N GLY A 353 -17.72 -10.66 0.00
CA GLY A 353 -17.83 -9.63 1.05
C GLY A 353 -18.12 -10.22 2.43
N VAL A 354 -17.87 -11.52 2.61
CA VAL A 354 -18.30 -12.26 3.84
C VAL A 354 -17.44 -11.84 5.03
N VAL A 355 -16.13 -11.65 4.88
CA VAL A 355 -15.23 -11.39 6.04
C VAL A 355 -15.58 -10.04 6.67
N PRO A 356 -15.68 -8.93 5.90
CA PRO A 356 -16.14 -7.66 6.46
C PRO A 356 -17.53 -7.75 7.13
N ALA A 357 -18.45 -8.53 6.54
CA ALA A 357 -19.83 -8.72 7.03
C ALA A 357 -19.82 -9.47 8.36
N LEU A 358 -18.92 -10.43 8.51
CA LEU A 358 -18.81 -11.21 9.79
C LEU A 358 -18.15 -10.32 10.84
N ARG A 359 -17.20 -9.47 10.45
CA ARG A 359 -16.58 -8.48 11.35
C ARG A 359 -17.67 -7.53 11.88
N ARG A 360 -18.54 -7.04 11.00
CA ARG A 360 -19.67 -6.12 11.34
C ARG A 360 -20.63 -6.84 12.31
N ALA A 361 -20.80 -8.16 12.16
CA ALA A 361 -21.72 -8.98 12.99
C ALA A 361 -21.05 -9.35 14.33
N GLY A 362 -19.80 -8.97 14.55
CA GLY A 362 -19.12 -9.14 15.85
C GLY A 362 -18.14 -10.29 15.90
N LEU A 363 -17.82 -10.93 14.77
CA LEU A 363 -16.74 -11.95 14.73
C LEU A 363 -15.37 -11.26 14.86
N ASP A 364 -14.46 -11.86 15.63
CA ASP A 364 -13.04 -11.44 15.73
C ASP A 364 -12.38 -11.67 14.37
N VAL A 365 -11.88 -10.61 13.75
CA VAL A 365 -11.13 -10.69 12.47
C VAL A 365 -9.81 -9.95 12.65
N SER A 366 -8.70 -10.65 12.43
CA SER A 366 -7.32 -10.12 12.55
C SER A 366 -6.72 -10.05 11.15
N LEU A 367 -5.58 -9.37 11.03
CA LEU A 367 -4.87 -9.16 9.74
C LEU A 367 -3.54 -9.88 9.84
N SER A 368 -3.17 -10.58 8.78
CA SER A 368 -1.96 -11.41 8.68
C SER A 368 -1.37 -11.25 7.27
N THR A 369 -0.10 -11.61 7.10
CA THR A 369 0.66 -11.43 5.84
C THR A 369 0.46 -12.64 4.94
N ASP A 370 0.07 -13.79 5.50
CA ASP A 370 0.19 -15.08 4.77
C ASP A 370 1.71 -15.27 4.62
N ALA A 371 2.19 -15.72 3.47
CA ALA A 371 3.61 -15.54 3.10
C ALA A 371 3.86 -16.03 1.69
N ALA A 372 5.02 -15.68 1.14
CA ALA A 372 5.53 -16.17 -0.16
C ALA A 372 6.98 -16.66 0.03
N ALA A 373 7.60 -17.06 -1.07
CA ALA A 373 8.97 -17.62 -1.13
C ALA A 373 9.98 -16.48 -1.23
N LEU A 374 9.53 -15.27 -1.55
CA LEU A 374 10.35 -14.03 -1.59
C LEU A 374 9.63 -12.98 -0.76
N PRO A 375 10.33 -11.92 -0.28
CA PRO A 375 9.70 -10.90 0.56
C PRO A 375 8.47 -10.29 -0.12
N GLY A 376 7.35 -10.23 0.61
CA GLY A 376 6.07 -9.66 0.16
C GLY A 376 5.53 -8.72 1.22
N ALA A 377 4.26 -8.36 1.12
CA ALA A 377 3.58 -7.42 2.03
C ALA A 377 3.84 -7.86 3.46
N GLY A 378 4.30 -6.94 4.31
CA GLY A 378 4.34 -7.16 5.78
C GLY A 378 3.04 -6.70 6.40
N ILE A 379 2.98 -6.74 7.73
CA ILE A 379 1.79 -6.30 8.51
C ILE A 379 1.44 -4.85 8.15
N ALA A 380 2.43 -3.97 8.11
CA ALA A 380 2.23 -2.54 7.80
C ALA A 380 1.50 -2.39 6.46
N GLU A 381 1.87 -3.20 5.46
CA GLU A 381 1.26 -3.17 4.11
C GLU A 381 -0.17 -3.72 4.19
N THR A 382 -0.39 -4.72 5.06
CA THR A 382 -1.70 -5.39 5.22
C THR A 382 -2.66 -4.43 5.93
N MET A 383 -2.18 -3.69 6.94
CA MET A 383 -2.98 -2.70 7.68
C MET A 383 -3.49 -1.64 6.69
N ARG A 384 -2.63 -1.15 5.79
CA ARG A 384 -3.03 -0.15 4.78
C ARG A 384 -4.15 -0.74 3.91
N ALA A 385 -3.94 -1.96 3.43
CA ALA A 385 -4.86 -2.67 2.51
C ALA A 385 -6.25 -2.75 3.14
N ALA A 386 -6.34 -3.19 4.38
CA ALA A 386 -7.64 -3.34 5.09
C ALA A 386 -8.30 -1.96 5.17
N TRP A 387 -7.53 -0.95 5.55
CA TRP A 387 -8.00 0.44 5.74
C TRP A 387 -8.56 1.00 4.41
N GLN A 388 -7.87 0.79 3.30
CA GLN A 388 -8.38 1.18 1.95
C GLN A 388 -9.61 0.33 1.56
N MET A 389 -9.53 -0.99 1.69
CA MET A 389 -10.40 -1.93 0.93
C MET A 389 -11.74 -2.15 1.63
N TYR A 390 -11.74 -2.36 2.95
CA TYR A 390 -12.98 -2.52 3.74
C TYR A 390 -13.81 -1.22 3.67
N ASN A 391 -13.16 -0.07 3.80
CA ASN A 391 -13.84 1.25 3.81
C ASN A 391 -14.45 1.51 2.42
N GLU A 392 -13.71 1.23 1.34
CA GLU A 392 -14.16 1.47 -0.04
C GLU A 392 -15.41 0.62 -0.34
N MET A 393 -15.41 -0.64 0.11
CA MET A 393 -16.50 -1.60 -0.17
C MET A 393 -17.79 -1.13 0.48
N SER A 394 -17.70 -0.47 1.63
CA SER A 394 -18.89 -0.06 2.43
C SER A 394 -19.15 1.44 2.28
N ALA A 395 -18.39 2.16 1.44
CA ALA A 395 -18.48 3.63 1.28
C ALA A 395 -18.50 4.29 2.67
N ASP A 396 -17.63 3.86 3.57
CA ASP A 396 -17.67 4.24 5.00
C ASP A 396 -16.22 4.28 5.50
N GLN A 397 -15.69 5.49 5.72
CA GLN A 397 -14.30 5.73 6.18
C GLN A 397 -14.15 5.31 7.64
N THR A 398 -15.22 4.92 8.33
CA THR A 398 -15.17 4.56 9.77
C THR A 398 -15.35 3.05 9.98
N GLU A 399 -15.57 2.25 8.94
CA GLU A 399 -15.72 0.78 9.13
C GLU A 399 -14.42 0.21 9.71
N VAL A 400 -13.29 0.56 9.08
CA VAL A 400 -11.94 0.28 9.63
C VAL A 400 -11.23 1.62 9.80
N LEU A 401 -11.23 2.15 11.02
CA LEU A 401 -10.37 3.29 11.43
C LEU A 401 -8.93 2.82 11.45
N PRO A 402 -7.94 3.71 11.24
CA PRO A 402 -6.54 3.33 11.38
C PRO A 402 -6.25 2.58 12.70
N THR A 403 -6.85 2.98 13.82
CA THR A 403 -6.62 2.29 15.13
C THR A 403 -7.27 0.90 15.11
N ASP A 404 -8.29 0.67 14.27
CA ASP A 404 -8.91 -0.67 14.04
C ASP A 404 -7.88 -1.56 13.33
N ALA A 405 -7.31 -1.06 12.24
CA ALA A 405 -6.27 -1.77 11.46
C ALA A 405 -5.13 -2.15 12.41
N LEU A 406 -4.73 -1.26 13.32
CA LEU A 406 -3.66 -1.55 14.31
C LEU A 406 -4.12 -2.68 15.24
N ALA A 407 -5.33 -2.58 15.79
CA ALA A 407 -5.88 -3.59 16.74
C ALA A 407 -5.96 -4.95 16.04
N MET A 408 -6.29 -4.98 14.75
CA MET A 408 -6.42 -6.21 13.93
C MET A 408 -5.05 -6.86 13.71
N ALA A 409 -3.97 -6.09 13.80
CA ALA A 409 -2.56 -6.54 13.62
C ALA A 409 -1.84 -6.70 14.96
N THR A 410 -2.49 -6.42 16.08
CA THR A 410 -1.89 -6.47 17.44
C THR A 410 -2.82 -7.26 18.38
N ARG A 411 -3.70 -6.58 19.10
CA ARG A 411 -4.47 -7.18 20.23
C ARG A 411 -5.38 -8.30 19.72
N ILE A 412 -6.10 -8.08 18.62
CA ILE A 412 -7.12 -9.04 18.10
C ILE A 412 -6.38 -10.28 17.54
N ALA A 413 -5.24 -10.10 16.85
CA ALA A 413 -4.41 -11.22 16.37
C ALA A 413 -3.89 -12.04 17.57
N ALA A 414 -3.43 -11.38 18.63
CA ALA A 414 -2.93 -12.03 19.87
C ALA A 414 -4.05 -12.88 20.49
N LYS A 415 -5.29 -12.40 20.43
CA LYS A 415 -6.47 -13.12 20.95
C LYS A 415 -6.70 -14.41 20.15
N GLY A 416 -6.67 -14.32 18.82
CA GLY A 416 -6.79 -15.48 17.91
C GLY A 416 -5.71 -16.52 18.17
N LEU A 417 -4.51 -16.05 18.52
CA LEU A 417 -3.30 -16.88 18.79
C LEU A 417 -3.32 -17.38 20.24
N ARG A 418 -4.24 -16.87 21.07
CA ARG A 418 -4.34 -17.12 22.53
C ARG A 418 -3.01 -16.73 23.19
N TRP A 419 -2.50 -15.54 22.86
CA TRP A 419 -1.28 -14.93 23.47
C TRP A 419 -1.59 -13.53 24.02
N ASP A 420 -2.87 -13.12 24.05
CA ASP A 420 -3.30 -11.77 24.51
C ASP A 420 -3.16 -11.64 26.03
N ASP A 421 -2.85 -12.74 26.73
CA ASP A 421 -2.45 -12.72 28.16
C ASP A 421 -1.14 -11.94 28.31
N ALA A 422 -0.24 -11.97 27.31
CA ALA A 422 1.13 -11.40 27.40
C ALA A 422 1.40 -10.27 26.40
N VAL A 423 0.87 -10.35 25.17
CA VAL A 423 1.27 -9.42 24.07
C VAL A 423 0.04 -8.79 23.41
N GLY A 424 0.28 -7.88 22.46
CA GLY A 424 -0.77 -7.34 21.58
C GLY A 424 -1.22 -5.94 21.99
N SER A 425 -0.91 -5.49 23.21
CA SER A 425 -1.28 -4.13 23.68
C SER A 425 -0.27 -3.60 24.70
N LEU A 426 -0.09 -2.27 24.70
CA LEU A 426 0.71 -1.55 25.71
C LEU A 426 -0.20 -1.21 26.88
N GLU A 427 -0.21 -2.09 27.89
CA GLU A 427 -0.97 -1.94 29.15
C GLU A 427 -0.09 -2.45 30.29
N PRO A 428 -0.21 -1.90 31.51
CA PRO A 428 0.53 -2.40 32.66
C PRO A 428 0.35 -3.92 32.81
N GLY A 429 1.46 -4.65 32.94
CA GLY A 429 1.47 -6.10 33.17
C GLY A 429 1.81 -6.90 31.91
N LYS A 430 1.54 -6.36 30.72
CA LYS A 430 1.84 -7.04 29.43
C LYS A 430 3.32 -6.86 29.10
N GLN A 431 3.82 -7.65 28.16
CA GLN A 431 5.26 -7.63 27.78
C GLN A 431 5.55 -6.27 27.13
N ALA A 432 6.76 -5.74 27.37
CA ALA A 432 7.30 -4.53 26.73
C ALA A 432 7.71 -4.93 25.31
N ASP A 433 6.72 -5.17 24.46
CA ASP A 433 6.88 -5.44 23.01
C ASP A 433 6.37 -4.19 22.28
N LEU A 434 7.25 -3.40 21.70
CA LEU A 434 6.82 -2.15 21.04
C LEU A 434 7.77 -1.78 19.89
N LEU A 435 7.24 -0.94 18.99
CA LEU A 435 7.93 -0.41 17.80
C LEU A 435 8.05 1.11 17.96
N LEU A 436 9.14 1.69 17.49
CA LEU A 436 9.25 3.16 17.27
C LEU A 436 9.36 3.40 15.76
N VAL A 437 8.62 4.38 15.28
CA VAL A 437 8.69 4.86 13.88
C VAL A 437 9.02 6.36 13.92
N ARG A 438 10.00 6.80 13.12
CA ARG A 438 10.34 8.24 12.99
C ARG A 438 9.15 8.94 12.32
N THR A 439 8.69 10.06 12.89
CA THR A 439 7.53 10.84 12.41
C THR A 439 7.94 12.29 12.12
N ASP A 440 9.21 12.54 11.80
CA ASP A 440 9.77 13.91 11.70
C ASP A 440 10.01 14.31 10.24
N ASP A 441 9.61 13.50 9.25
CA ASP A 441 9.80 13.88 7.82
C ASP A 441 8.46 14.41 7.28
N TRP A 442 8.46 14.86 6.02
CA TRP A 442 7.32 15.49 5.31
C TRP A 442 6.05 14.63 5.42
N ARG A 443 6.17 13.30 5.44
CA ARG A 443 5.01 12.38 5.40
C ARG A 443 4.09 12.63 6.61
N TYR A 444 4.66 13.06 7.73
CA TYR A 444 3.95 13.15 9.05
C TYR A 444 3.64 14.60 9.41
N LEU A 445 4.15 15.58 8.67
CA LEU A 445 4.17 17.00 9.11
C LEU A 445 2.74 17.50 9.37
N LEU A 446 2.48 17.97 10.59
CA LEU A 446 1.23 18.62 11.08
C LEU A 446 0.12 17.60 11.32
N ASN A 447 0.31 16.32 11.02
CA ASN A 447 -0.76 15.31 11.23
C ASN A 447 -0.78 14.93 12.70
N PRO A 448 -1.88 15.20 13.45
CA PRO A 448 -1.99 14.73 14.84
C PRO A 448 -2.31 13.23 14.91
N ARG A 449 -2.46 12.58 13.76
CA ARG A 449 -2.69 11.11 13.62
C ARG A 449 -1.56 10.50 12.82
N PRO A 450 -0.35 10.38 13.41
CA PRO A 450 0.79 9.79 12.73
C PRO A 450 0.54 8.36 12.19
N LEU A 451 -0.30 7.56 12.86
CA LEU A 451 -0.68 6.21 12.35
C LEU A 451 -1.32 6.32 10.96
N GLU A 452 -2.19 7.31 10.75
CA GLU A 452 -2.83 7.60 9.45
C GLU A 452 -1.76 7.87 8.39
N SER A 453 -0.79 8.73 8.69
CA SER A 453 0.33 9.08 7.76
C SER A 453 1.16 7.82 7.47
N PHE A 454 1.33 6.96 8.47
CA PHE A 454 2.08 5.68 8.38
C PHE A 454 1.35 4.74 7.39
N LEU A 455 0.02 4.65 7.47
CA LEU A 455 -0.78 3.82 6.54
C LEU A 455 -0.80 4.45 5.15
N TRP A 456 -0.77 5.78 5.03
CA TRP A 456 -0.74 6.46 3.71
C TRP A 456 0.58 6.14 2.98
N LEU A 457 1.73 6.31 3.65
CA LEU A 457 3.03 6.64 2.98
C LEU A 457 4.22 5.88 3.57
N ALA A 458 4.00 4.95 4.48
CA ALA A 458 5.08 4.23 5.16
C ALA A 458 4.82 2.73 5.05
N GLY A 459 5.75 1.92 5.54
CA GLY A 459 5.68 0.45 5.43
C GLY A 459 6.64 -0.21 6.39
N SER A 460 6.87 -1.50 6.18
CA SER A 460 7.77 -2.39 6.97
C SER A 460 9.15 -1.72 7.14
N ALA A 461 9.72 -1.19 6.06
CA ALA A 461 11.08 -0.59 6.01
C ALA A 461 11.16 0.61 6.98
N ASP A 462 10.05 1.28 7.28
CA ASP A 462 10.00 2.48 8.15
C ASP A 462 9.98 2.11 9.64
N VAL A 463 9.94 0.83 10.00
CA VAL A 463 10.12 0.45 11.43
C VAL A 463 11.57 0.77 11.80
N ASP A 464 11.76 1.60 12.83
CA ASP A 464 13.09 2.11 13.23
C ASP A 464 13.65 1.23 14.35
N THR A 465 12.90 1.12 15.44
CA THR A 465 13.28 0.37 16.66
C THR A 465 12.22 -0.72 16.90
N VAL A 466 12.70 -1.90 17.32
CA VAL A 466 11.85 -3.04 17.75
C VAL A 466 12.37 -3.49 19.11
N ILE A 467 11.50 -3.48 20.10
CA ILE A 467 11.82 -3.96 21.48
C ILE A 467 10.89 -5.14 21.79
N VAL A 468 11.47 -6.25 22.26
CA VAL A 468 10.73 -7.47 22.71
C VAL A 468 11.18 -7.76 24.15
N GLY A 469 10.23 -7.86 25.08
CA GLY A 469 10.52 -8.04 26.52
C GLY A 469 11.56 -7.04 27.02
N GLY A 470 11.52 -5.79 26.54
CA GLY A 470 12.40 -4.70 27.00
C GLY A 470 13.79 -4.72 26.39
N ARG A 471 14.09 -5.66 25.48
CA ARG A 471 15.41 -5.76 24.80
C ARG A 471 15.30 -5.14 23.41
N THR A 472 16.17 -4.20 23.06
CA THR A 472 16.23 -3.60 21.71
C THR A 472 16.86 -4.61 20.74
N LEU A 473 16.09 -5.07 19.75
CA LEU A 473 16.56 -6.03 18.72
C LEU A 473 16.84 -5.29 17.41
N VAL A 474 16.13 -4.20 17.16
CA VAL A 474 16.31 -3.36 15.94
C VAL A 474 16.38 -1.91 16.39
N GLU A 475 17.27 -1.15 15.76
CA GLU A 475 17.53 0.29 16.09
C GLU A 475 18.06 0.97 14.82
N GLY A 476 17.45 2.10 14.44
CA GLY A 476 17.74 2.81 13.19
C GLY A 476 17.53 1.91 11.99
N GLY A 477 16.58 0.97 12.05
CA GLY A 477 16.30 0.01 10.98
C GLY A 477 17.37 -1.06 10.82
N ARG A 478 18.26 -1.23 11.82
CA ARG A 478 19.39 -2.20 11.75
C ARG A 478 19.27 -3.21 12.88
N GLY A 479 19.61 -4.48 12.63
CA GLY A 479 19.74 -5.51 13.68
C GLY A 479 20.78 -5.07 14.71
N VAL A 480 20.44 -5.18 15.99
CA VAL A 480 21.33 -4.80 17.13
C VAL A 480 22.30 -5.96 17.40
N GLU A 481 21.78 -7.19 17.42
CA GLU A 481 22.54 -8.40 17.88
C GLU A 481 22.55 -9.48 16.79
N VAL A 482 22.40 -9.09 15.52
CA VAL A 482 22.61 -9.98 14.34
C VAL A 482 23.46 -9.27 13.28
N ASP A 483 24.33 -10.05 12.64
CA ASP A 483 25.08 -9.68 11.40
C ASP A 483 24.14 -9.92 10.22
N GLU A 484 23.50 -8.85 9.71
CA GLU A 484 22.51 -8.93 8.61
C GLU A 484 23.17 -9.51 7.36
N ALA A 485 24.41 -9.14 7.06
CA ALA A 485 25.17 -9.67 5.89
C ALA A 485 25.38 -11.18 6.08
N ALA A 486 25.67 -11.63 7.30
CA ALA A 486 25.87 -13.06 7.63
C ALA A 486 24.55 -13.82 7.47
N LEU A 487 23.44 -13.30 8.02
CA LEU A 487 22.11 -13.94 7.91
C LEU A 487 21.80 -14.13 6.42
N ARG A 488 22.00 -13.08 5.63
CA ARG A 488 21.79 -13.09 4.16
C ARG A 488 22.67 -14.17 3.54
N ASP A 489 23.97 -14.17 3.79
CA ASP A 489 24.93 -15.05 3.06
C ASP A 489 24.69 -16.51 3.42
N ARG A 490 24.35 -16.81 4.67
CA ARG A 490 24.02 -18.20 5.10
C ARG A 490 22.71 -18.67 4.44
N TYR A 491 21.71 -17.77 4.34
CA TYR A 491 20.42 -18.04 3.65
C TYR A 491 20.71 -18.38 2.18
N LEU A 492 21.53 -17.60 1.49
CA LEU A 492 21.82 -17.80 0.04
C LEU A 492 22.57 -19.13 -0.18
N GLN A 493 23.54 -19.44 0.69
CA GLN A 493 24.32 -20.70 0.69
C GLN A 493 23.36 -21.88 0.86
N ALA A 494 22.51 -21.85 1.90
CA ALA A 494 21.51 -22.89 2.19
C ALA A 494 20.55 -23.03 1.01
N LEU A 495 20.06 -21.90 0.50
CA LEU A 495 19.09 -21.88 -0.62
C LEU A 495 19.73 -22.57 -1.83
N ARG A 496 21.00 -22.28 -2.12
CA ARG A 496 21.73 -22.89 -3.27
C ARG A 496 21.76 -24.41 -3.12
N GLY A 497 22.19 -24.91 -1.95
CA GLY A 497 22.26 -26.36 -1.67
C GLY A 497 20.92 -27.03 -1.89
N PHE A 498 19.88 -26.51 -1.22
CA PHE A 498 18.51 -27.08 -1.26
C PHE A 498 17.95 -27.04 -2.69
N THR A 499 18.13 -25.92 -3.38
CA THR A 499 17.56 -25.67 -4.72
C THR A 499 18.17 -26.62 -5.74
N THR A 500 19.51 -26.77 -5.75
CA THR A 500 20.22 -27.62 -6.73
C THR A 500 19.98 -29.10 -6.40
N ARG A 501 20.04 -29.47 -5.11
CA ARG A 501 19.98 -30.88 -4.67
C ARG A 501 18.53 -31.37 -4.63
N ALA A 502 17.68 -30.75 -3.79
CA ALA A 502 16.30 -31.19 -3.49
C ALA A 502 15.36 -30.80 -4.63
N LEU A 503 15.43 -29.58 -5.16
CA LEU A 503 14.48 -29.10 -6.21
C LEU A 503 15.06 -29.36 -7.61
N ARG A 504 16.30 -29.85 -7.72
CA ARG A 504 16.92 -30.33 -8.98
C ARG A 504 16.95 -29.19 -10.01
N VAL A 505 17.06 -27.95 -9.56
CA VAL A 505 17.29 -26.81 -10.48
C VAL A 505 18.77 -26.82 -10.85
N PRO A 506 19.12 -26.79 -12.16
CA PRO A 506 20.53 -26.80 -12.58
C PRO A 506 21.32 -25.63 -11.99
N ALA A 507 22.57 -25.89 -11.61
CA ALA A 507 23.52 -24.89 -11.06
C ALA A 507 23.71 -23.76 -12.08
N GLU A 508 23.61 -24.07 -13.38
CA GLU A 508 23.73 -23.10 -14.50
C GLU A 508 22.66 -22.01 -14.38
N ALA A 509 21.49 -22.33 -13.82
CA ALA A 509 20.37 -21.37 -13.66
C ALA A 509 20.50 -20.61 -12.33
N VAL A 510 21.11 -21.22 -11.31
CA VAL A 510 21.12 -20.69 -9.92
C VAL A 510 22.32 -19.76 -9.71
N ASP A 511 23.51 -20.16 -10.18
CA ASP A 511 24.78 -19.48 -9.83
C ASP A 511 24.84 -18.07 -10.45
N PRO A 512 24.38 -17.85 -11.70
CA PRO A 512 24.36 -16.49 -12.26
C PRO A 512 23.51 -15.53 -11.43
N VAL A 513 22.39 -15.99 -10.87
CA VAL A 513 21.52 -15.17 -9.98
C VAL A 513 22.31 -14.83 -8.71
N LEU A 514 22.97 -15.81 -8.08
CA LEU A 514 23.69 -15.58 -6.80
C LEU A 514 24.94 -14.71 -7.03
N ALA A 515 25.53 -14.75 -8.23
CA ALA A 515 26.69 -13.92 -8.61
C ALA A 515 26.25 -12.46 -8.77
N GLU A 516 24.98 -12.21 -9.09
CA GLU A 516 24.44 -10.83 -9.34
C GLU A 516 23.99 -10.19 -8.02
N VAL A 517 23.91 -10.94 -6.91
CA VAL A 517 23.57 -10.35 -5.57
C VAL A 517 24.58 -9.24 -5.28
N ALA A 518 24.08 -8.03 -5.01
CA ALA A 518 24.87 -6.86 -4.57
C ALA A 518 25.13 -7.04 -3.08
N ARG A 519 26.33 -7.53 -2.74
CA ARG A 519 26.70 -7.98 -1.37
C ARG A 519 26.76 -6.75 -0.45
N ALA B 25 19.01 20.66 -19.50
CA ALA B 25 20.36 20.08 -19.25
C ALA B 25 21.24 20.23 -20.49
N MET B 26 22.56 20.20 -20.27
CA MET B 26 23.61 20.17 -21.31
C MET B 26 24.38 18.86 -21.18
N GLY B 27 24.80 18.29 -22.31
CA GLY B 27 25.76 17.17 -22.35
C GLY B 27 25.08 15.82 -22.25
N ALA B 28 25.86 14.77 -22.44
CA ALA B 28 25.41 13.37 -22.52
C ALA B 28 25.52 12.73 -21.13
N ARG B 29 24.54 11.89 -20.76
CA ARG B 29 24.59 11.01 -19.57
C ARG B 29 24.26 9.57 -19.98
N LEU B 30 25.03 8.60 -19.50
CA LEU B 30 24.75 7.15 -19.64
C LEU B 30 24.42 6.61 -18.25
N ILE B 31 23.18 6.18 -18.06
CA ILE B 31 22.72 5.47 -16.83
C ILE B 31 22.63 3.98 -17.18
N THR B 32 23.56 3.18 -16.64
CA THR B 32 23.83 1.80 -17.09
C THR B 32 23.88 0.87 -15.86
N GLY B 33 23.60 -0.42 -16.09
CA GLY B 33 23.80 -1.52 -15.12
C GLY B 33 22.53 -1.99 -14.45
N GLY B 34 21.50 -1.14 -14.32
CA GLY B 34 20.27 -1.48 -13.57
C GLY B 34 19.24 -2.19 -14.44
N THR B 35 18.11 -2.59 -13.83
CA THR B 35 16.88 -3.02 -14.55
C THR B 35 16.10 -1.76 -14.98
N VAL B 36 15.85 -1.63 -16.28
CA VAL B 36 15.22 -0.45 -16.93
C VAL B 36 13.81 -0.83 -17.37
N TYR B 37 12.79 -0.20 -16.78
CA TYR B 37 11.38 -0.29 -17.21
C TYR B 37 11.07 0.91 -18.12
N THR B 38 10.71 0.67 -19.37
CA THR B 38 10.56 1.73 -20.41
C THR B 38 9.14 2.31 -20.41
N ALA B 39 8.13 1.51 -20.04
CA ALA B 39 6.69 1.73 -20.30
C ALA B 39 6.48 2.15 -21.76
N ASP B 40 7.21 1.56 -22.71
CA ASP B 40 6.96 1.77 -24.15
C ASP B 40 5.75 0.91 -24.54
N ALA B 41 5.39 0.88 -25.83
CA ALA B 41 4.22 0.16 -26.40
C ALA B 41 4.25 -1.33 -26.06
N GLN B 42 5.44 -1.94 -25.98
CA GLN B 42 5.62 -3.39 -25.67
C GLN B 42 5.78 -3.59 -24.15
N GLU B 43 5.75 -2.51 -23.35
CA GLU B 43 6.01 -2.54 -21.89
C GLU B 43 7.38 -3.18 -21.63
N SER B 44 8.37 -2.89 -22.49
CA SER B 44 9.72 -3.52 -22.48
C SER B 44 10.43 -3.30 -21.14
N VAL B 45 11.05 -4.36 -20.62
CA VAL B 45 11.96 -4.34 -19.44
C VAL B 45 13.32 -4.86 -19.90
N HIS B 46 14.40 -4.15 -19.55
CA HIS B 46 15.79 -4.55 -19.83
C HIS B 46 16.55 -4.74 -18.51
N ALA B 47 16.80 -5.99 -18.11
CA ALA B 47 17.76 -6.32 -17.04
C ALA B 47 19.15 -5.93 -17.55
N ARG B 48 20.00 -5.36 -16.68
CA ARG B 48 21.33 -4.82 -17.08
C ARG B 48 21.11 -3.94 -18.33
N GLY B 49 20.14 -3.05 -18.24
CA GLY B 49 19.78 -2.10 -19.31
C GLY B 49 20.53 -0.80 -19.16
N ALA B 50 20.37 0.09 -20.10
CA ALA B 50 21.03 1.41 -20.12
C ALA B 50 20.06 2.42 -20.73
N VAL B 51 20.21 3.67 -20.32
CA VAL B 51 19.57 4.86 -20.94
C VAL B 51 20.69 5.86 -21.26
N LEU B 52 20.83 6.21 -22.54
CA LEU B 52 21.71 7.30 -22.98
C LEU B 52 20.84 8.55 -23.21
N THR B 53 21.15 9.65 -22.53
CA THR B 53 20.49 10.97 -22.73
C THR B 53 21.51 11.95 -23.31
N VAL B 54 21.06 12.82 -24.21
CA VAL B 54 21.83 13.98 -24.72
C VAL B 54 20.96 15.21 -24.54
N ASP B 55 21.47 16.21 -23.83
CA ASP B 55 20.75 17.44 -23.40
C ASP B 55 19.49 17.00 -22.64
N ASP B 56 18.30 17.33 -23.14
CA ASP B 56 17.01 17.08 -22.44
C ASP B 56 16.33 15.78 -22.93
N LYS B 57 16.93 15.07 -23.89
CA LYS B 57 16.24 13.92 -24.58
C LYS B 57 16.93 12.58 -24.33
N VAL B 58 16.14 11.50 -24.32
CA VAL B 58 16.62 10.10 -24.46
C VAL B 58 17.00 9.90 -25.92
N VAL B 59 18.20 9.38 -26.20
CA VAL B 59 18.63 9.06 -27.58
C VAL B 59 18.69 7.54 -27.76
N ALA B 60 18.96 6.78 -26.69
CA ALA B 60 19.09 5.30 -26.77
C ALA B 60 18.69 4.66 -25.45
N VAL B 61 17.99 3.53 -25.54
CA VAL B 61 17.54 2.74 -24.38
C VAL B 61 17.42 1.29 -24.85
N GLY B 62 17.92 0.35 -24.04
CA GLY B 62 17.94 -1.08 -24.34
C GLY B 62 18.98 -1.79 -23.47
N PRO B 63 19.47 -2.98 -23.92
CA PRO B 63 20.59 -3.65 -23.25
C PRO B 63 21.84 -2.76 -23.24
N ALA B 64 22.60 -2.82 -22.15
CA ALA B 64 23.82 -2.01 -21.91
C ALA B 64 24.73 -2.03 -23.14
N VAL B 65 24.90 -3.21 -23.76
CA VAL B 65 25.87 -3.41 -24.88
C VAL B 65 25.33 -2.72 -26.14
N GLU B 66 24.03 -2.78 -26.39
CA GLU B 66 23.37 -2.07 -27.52
C GLU B 66 23.55 -0.56 -27.36
N VAL B 67 23.24 -0.03 -26.17
CA VAL B 67 23.33 1.41 -25.82
C VAL B 67 24.80 1.87 -25.91
N GLU B 68 25.74 1.01 -25.51
CA GLU B 68 27.21 1.26 -25.59
C GLU B 68 27.63 1.52 -27.04
N GLN B 69 26.96 0.92 -28.02
CA GLN B 69 27.22 1.17 -29.47
C GLN B 69 26.78 2.59 -29.83
N ALA B 70 25.62 3.02 -29.33
CA ALA B 70 25.08 4.38 -29.54
C ALA B 70 26.08 5.41 -28.98
N VAL B 71 26.72 5.11 -27.84
CA VAL B 71 27.74 5.98 -27.20
C VAL B 71 28.91 6.17 -28.17
N GLN B 72 29.42 5.08 -28.76
CA GLN B 72 30.58 5.10 -29.70
C GLN B 72 30.20 5.84 -30.97
N ALA B 73 28.90 6.02 -31.24
CA ALA B 73 28.37 6.66 -32.47
C ALA B 73 28.08 8.15 -32.24
N LEU B 74 28.33 8.68 -31.03
CA LEU B 74 28.20 10.13 -30.72
C LEU B 74 29.34 10.92 -31.37
N ASP B 75 29.13 12.23 -31.59
CA ASP B 75 30.20 13.22 -31.85
C ASP B 75 31.25 13.10 -30.75
N PRO B 76 32.56 12.98 -31.11
CA PRO B 76 33.63 12.88 -30.12
C PRO B 76 33.61 13.93 -29.00
N ALA B 77 33.24 15.18 -29.32
CA ALA B 77 33.09 16.30 -28.37
C ALA B 77 32.09 15.91 -27.27
N VAL B 78 30.96 15.31 -27.67
CA VAL B 78 29.84 14.89 -26.79
C VAL B 78 30.31 13.71 -25.92
N ARG B 79 30.93 12.70 -26.52
CA ARG B 79 31.42 11.49 -25.81
C ARG B 79 32.47 11.89 -24.77
N ALA B 80 33.32 12.87 -25.07
CA ALA B 80 34.46 13.28 -24.22
C ALA B 80 33.98 13.82 -22.87
N GLU B 81 32.77 14.40 -22.82
CA GLU B 81 32.18 14.98 -21.59
C GLU B 81 31.04 14.10 -21.05
N LEU B 82 30.78 12.95 -21.68
CA LEU B 82 29.76 11.95 -21.23
C LEU B 82 29.95 11.69 -19.73
N ARG B 83 28.90 11.84 -18.93
CA ARG B 83 28.89 11.44 -17.49
C ARG B 83 28.27 10.04 -17.40
N ARG B 84 28.96 9.11 -16.75
CA ARG B 84 28.49 7.71 -16.55
C ARG B 84 27.94 7.60 -15.12
N LEU B 85 26.66 7.26 -15.01
CA LEU B 85 25.98 6.96 -13.72
C LEU B 85 25.87 5.42 -13.61
N ASP B 86 26.52 4.85 -12.60
CA ASP B 86 26.48 3.40 -12.27
C ASP B 86 25.15 3.14 -11.55
N ALA B 87 24.21 2.49 -12.22
CA ALA B 87 22.85 2.21 -11.71
C ALA B 87 22.66 0.71 -11.48
N SER B 88 23.75 -0.05 -11.34
CA SER B 88 23.71 -1.53 -11.18
C SER B 88 23.02 -1.91 -9.86
N ARG B 89 22.99 -1.04 -8.85
CA ARG B 89 22.27 -1.32 -7.58
C ARG B 89 20.90 -0.64 -7.60
N MET B 90 20.37 -0.33 -8.79
CA MET B 90 19.13 0.46 -8.95
C MET B 90 18.20 -0.13 -10.01
N MET B 91 16.95 0.27 -9.89
CA MET B 91 15.87 0.11 -10.90
C MET B 91 15.65 1.49 -11.51
N VAL B 92 15.47 1.56 -12.83
CA VAL B 92 15.22 2.81 -13.61
C VAL B 92 13.78 2.78 -14.12
N LEU B 93 12.99 3.80 -13.79
CA LEU B 93 11.57 3.96 -14.22
C LEU B 93 11.44 5.24 -15.01
N PRO B 94 10.40 5.38 -15.87
CA PRO B 94 10.05 6.69 -16.38
C PRO B 94 9.51 7.51 -15.20
N GLY B 95 9.67 8.85 -15.28
CA GLY B 95 9.04 9.78 -14.34
C GLY B 95 7.54 9.57 -14.27
N PHE B 96 6.97 9.60 -13.07
CA PHE B 96 5.51 9.43 -12.88
C PHE B 96 4.81 10.67 -13.45
N VAL B 97 3.73 10.42 -14.18
CA VAL B 97 2.80 11.46 -14.67
C VAL B 97 1.54 11.36 -13.81
N ASN B 98 1.35 12.30 -12.88
CA ASN B 98 0.18 12.40 -11.99
C ASN B 98 -0.78 13.41 -12.62
N ALA B 99 -1.71 12.93 -13.45
CA ALA B 99 -2.51 13.76 -14.37
C ALA B 99 -3.77 14.29 -13.68
N HIS B 100 -4.05 13.85 -12.44
CA HIS B 100 -5.26 14.25 -11.68
C HIS B 100 -4.82 14.59 -10.25
N TRP B 101 -4.60 15.87 -10.02
CA TRP B 101 -4.07 16.40 -8.75
C TRP B 101 -4.75 17.75 -8.46
N HIS B 102 -4.87 18.05 -7.18
CA HIS B 102 -5.40 19.34 -6.66
C HIS B 102 -4.42 19.86 -5.62
N GLU B 103 -4.04 21.13 -5.73
CA GLU B 103 -3.27 21.83 -4.66
C GLU B 103 -4.28 22.29 -3.60
N MET B 104 -4.27 21.66 -2.43
CA MET B 104 -5.25 21.86 -1.33
C MET B 104 -4.54 22.09 0.01
N PHE B 105 -3.22 22.28 0.03
CA PHE B 105 -2.42 22.32 1.29
C PHE B 105 -2.79 23.57 2.12
N ALA B 106 -3.42 24.58 1.52
CA ALA B 106 -3.94 25.78 2.23
C ALA B 106 -4.99 25.38 3.27
N MET B 107 -5.62 24.20 3.14
CA MET B 107 -6.70 23.74 4.06
C MET B 107 -6.14 22.76 5.10
N GLY B 108 -4.81 22.73 5.31
CA GLY B 108 -4.12 21.87 6.28
C GLY B 108 -4.74 21.85 7.67
N PHE B 109 -5.21 22.98 8.18
CA PHE B 109 -5.73 23.08 9.58
C PHE B 109 -7.23 22.72 9.64
N THR B 110 -7.96 22.85 8.54
CA THR B 110 -9.45 22.78 8.49
C THR B 110 -9.92 21.42 7.97
N MET B 111 -9.52 21.05 6.74
CA MET B 111 -10.08 19.93 5.95
C MET B 111 -9.42 18.61 6.38
N ARG B 112 -10.06 17.89 7.33
CA ARG B 112 -9.64 16.53 7.76
C ARG B 112 -8.15 16.57 8.13
N GLY B 113 -7.75 17.59 8.90
CA GLY B 113 -6.32 18.00 8.96
C GLY B 113 -5.79 18.12 10.38
N ALA B 114 -5.09 19.22 10.66
CA ALA B 114 -4.14 19.36 11.77
C ALA B 114 -4.88 19.60 13.10
N LEU B 115 -6.17 19.95 13.10
CA LEU B 115 -6.94 20.30 14.33
C LEU B 115 -7.75 19.12 14.87
N ARG B 116 -7.78 17.97 14.18
CA ARG B 116 -8.50 16.77 14.65
C ARG B 116 -7.87 16.29 15.95
N PRO B 117 -8.63 15.63 16.86
CA PRO B 117 -8.01 14.99 18.02
C PRO B 117 -7.16 13.81 17.55
N PRO B 118 -6.07 13.45 18.27
CA PRO B 118 -5.25 12.29 17.90
C PRO B 118 -6.04 10.97 17.81
N SER B 119 -7.05 10.79 18.67
CA SER B 119 -7.97 9.62 18.64
C SER B 119 -8.92 9.74 17.43
N ASP B 120 -9.13 8.64 16.71
CA ASP B 120 -10.01 8.54 15.53
C ASP B 120 -11.39 7.99 15.93
N ARG B 121 -11.62 7.66 17.20
CA ARG B 121 -12.78 6.80 17.62
C ARG B 121 -14.12 7.50 17.35
N ALA B 122 -14.18 8.83 17.44
CA ALA B 122 -15.43 9.62 17.32
C ALA B 122 -15.66 10.05 15.85
N ASP B 123 -14.88 9.55 14.89
CA ASP B 123 -15.01 9.93 13.45
C ASP B 123 -16.38 9.52 12.93
N GLN B 124 -16.93 10.32 12.01
CA GLN B 124 -18.26 10.07 11.41
C GLN B 124 -18.10 10.02 9.91
N VAL B 125 -19.02 9.32 9.23
CA VAL B 125 -19.14 9.35 7.75
C VAL B 125 -19.52 10.79 7.38
N ALA B 126 -18.71 11.43 6.53
CA ALA B 126 -18.92 12.84 6.12
C ALA B 126 -18.59 13.02 4.65
N PHE B 127 -19.05 14.14 4.06
CA PHE B 127 -18.58 14.75 2.79
C PHE B 127 -18.76 13.76 1.62
N MET B 128 -17.69 13.07 1.18
CA MET B 128 -17.74 12.15 0.02
C MET B 128 -18.29 10.78 0.46
N GLY B 129 -18.36 10.53 1.77
CA GLY B 129 -18.70 9.21 2.32
C GLY B 129 -20.19 8.91 2.24
N GLY B 130 -20.56 7.63 2.39
CA GLY B 130 -21.96 7.17 2.45
C GLY B 130 -22.75 7.52 1.19
N GLY B 131 -22.12 7.59 0.01
CA GLY B 131 -22.80 7.91 -1.26
C GLY B 131 -22.56 9.34 -1.69
N GLY B 132 -22.20 10.22 -0.74
CA GLY B 132 -21.90 11.64 -1.00
C GLY B 132 -22.99 12.57 -0.52
N ASP B 133 -22.61 13.62 0.22
CA ASP B 133 -23.51 14.74 0.58
C ASP B 133 -23.40 15.80 -0.54
N MET B 134 -24.27 15.69 -1.56
CA MET B 134 -24.14 16.43 -2.84
C MET B 134 -24.30 17.95 -2.63
N HIS B 135 -25.17 18.38 -1.72
CA HIS B 135 -25.38 19.82 -1.39
C HIS B 135 -24.09 20.39 -0.80
N GLN B 136 -23.51 19.71 0.20
CA GLN B 136 -22.29 20.16 0.91
C GLN B 136 -21.12 20.19 -0.11
N ILE B 137 -20.99 19.15 -0.94
CA ILE B 137 -19.90 19.06 -1.95
C ILE B 137 -20.04 20.23 -2.92
N SER B 138 -21.25 20.46 -3.45
CA SER B 138 -21.52 21.53 -4.44
C SER B 138 -21.14 22.88 -3.85
N ALA B 139 -21.63 23.16 -2.63
CA ALA B 139 -21.46 24.44 -1.91
C ALA B 139 -19.98 24.68 -1.62
N THR B 140 -19.27 23.65 -1.15
CA THR B 140 -17.82 23.69 -0.85
C THR B 140 -17.07 24.08 -2.12
N PHE B 141 -17.35 23.43 -3.25
CA PHE B 141 -16.66 23.71 -4.54
C PHE B 141 -16.97 25.14 -5.00
N ASP B 142 -18.15 25.68 -4.71
CA ASP B 142 -18.51 27.03 -5.20
C ASP B 142 -17.77 28.10 -4.37
N ARG B 143 -17.30 27.76 -3.17
CA ARG B 143 -16.58 28.67 -2.23
C ARG B 143 -15.10 28.86 -2.60
N PHE B 144 -14.52 28.05 -3.50
CA PHE B 144 -13.06 28.07 -3.80
C PHE B 144 -12.61 29.46 -4.25
N ASP B 145 -13.32 30.10 -5.19
CA ASP B 145 -12.89 31.40 -5.79
C ASP B 145 -12.67 32.43 -4.68
N GLY B 146 -13.60 32.51 -3.72
CA GLY B 146 -13.53 33.40 -2.54
C GLY B 146 -12.32 33.13 -1.67
N LEU B 147 -11.95 31.87 -1.43
CA LEU B 147 -10.79 31.51 -0.58
C LEU B 147 -9.48 31.78 -1.34
N ILE B 148 -9.42 31.54 -2.65
CA ILE B 148 -8.21 31.84 -3.47
C ILE B 148 -7.91 33.34 -3.36
N GLU B 149 -8.95 34.18 -3.45
CA GLU B 149 -8.84 35.65 -3.42
C GLU B 149 -8.30 36.12 -2.04
N ALA B 150 -8.58 35.38 -0.95
CA ALA B 150 -8.17 35.74 0.42
C ALA B 150 -6.69 35.38 0.68
N MET B 151 -6.02 34.73 -0.27
CA MET B 151 -4.62 34.25 -0.19
C MET B 151 -3.68 35.38 -0.67
N THR B 152 -2.56 35.62 0.02
CA THR B 152 -1.51 36.55 -0.47
C THR B 152 -0.72 35.84 -1.58
N GLU B 153 -0.05 36.59 -2.46
CA GLU B 153 0.76 36.00 -3.55
C GLU B 153 1.89 35.13 -2.93
N ASP B 154 2.48 35.58 -1.82
CA ASP B 154 3.56 34.85 -1.11
C ASP B 154 3.01 33.56 -0.49
N GLU B 155 1.80 33.59 0.07
CA GLU B 155 1.17 32.39 0.67
C GLU B 155 0.91 31.36 -0.43
N ALA B 156 0.34 31.79 -1.56
CA ALA B 156 0.09 30.97 -2.76
C ALA B 156 1.40 30.30 -3.21
N ARG B 157 2.46 31.08 -3.42
CA ARG B 157 3.77 30.60 -3.91
C ARG B 157 4.37 29.61 -2.89
N ALA B 158 4.35 29.93 -1.61
CA ALA B 158 5.01 29.13 -0.56
C ALA B 158 4.25 27.80 -0.42
N ILE B 159 2.92 27.82 -0.47
CA ILE B 159 2.09 26.59 -0.32
C ILE B 159 2.21 25.75 -1.60
N ALA B 160 2.14 26.38 -2.77
CA ALA B 160 2.27 25.69 -4.08
C ALA B 160 3.61 24.95 -4.13
N GLU B 161 4.69 25.64 -3.78
CA GLU B 161 6.07 25.12 -3.96
C GLU B 161 6.23 23.88 -3.09
N TYR B 162 5.77 23.92 -1.84
CA TYR B 162 5.91 22.80 -0.88
C TYR B 162 5.06 21.62 -1.36
N SER B 163 3.80 21.89 -1.70
CA SER B 163 2.79 20.90 -2.19
C SER B 163 3.35 20.19 -3.42
N MET B 164 3.94 20.93 -4.35
CA MET B 164 4.46 20.36 -5.62
C MET B 164 5.81 19.69 -5.38
N TRP B 165 6.60 20.17 -4.40
CA TRP B 165 7.87 19.50 -4.00
C TRP B 165 7.53 18.08 -3.51
N ILE B 166 6.47 17.91 -2.74
CA ILE B 166 6.06 16.58 -2.20
C ILE B 166 5.77 15.63 -3.37
N GLN B 167 5.06 16.08 -4.40
CA GLN B 167 4.82 15.28 -5.62
C GLN B 167 6.17 14.88 -6.23
N LEU B 168 7.09 15.85 -6.43
CA LEU B 168 8.41 15.64 -7.09
C LEU B 168 9.26 14.64 -6.27
N ARG B 169 9.28 14.79 -4.96
CA ARG B 169 10.03 13.92 -4.02
C ARG B 169 9.58 12.47 -4.21
N GLY B 170 8.28 12.25 -4.49
CA GLY B 170 7.70 10.92 -4.71
C GLY B 170 7.81 10.43 -6.15
N GLY B 171 8.55 11.12 -7.02
CA GLY B 171 8.87 10.65 -8.38
C GLY B 171 7.98 11.25 -9.45
N VAL B 172 7.11 12.21 -9.10
CA VAL B 172 6.20 12.82 -10.11
C VAL B 172 7.00 13.88 -10.85
N THR B 173 7.22 13.71 -12.16
CA THR B 173 8.00 14.66 -12.99
C THR B 173 7.03 15.48 -13.84
N THR B 174 5.81 14.99 -14.05
CA THR B 174 4.74 15.74 -14.78
C THR B 174 3.47 15.70 -13.94
N LEU B 175 3.00 16.88 -13.53
CA LEU B 175 1.85 17.04 -12.62
C LEU B 175 0.73 17.79 -13.34
N GLY B 176 -0.50 17.28 -13.26
CA GLY B 176 -1.71 17.83 -13.88
C GLY B 176 -2.68 18.38 -12.85
N ASP B 177 -2.86 19.70 -12.84
CA ASP B 177 -3.83 20.42 -12.00
C ASP B 177 -5.25 20.19 -12.58
N MET B 178 -6.17 19.67 -11.77
CA MET B 178 -7.59 19.49 -12.19
C MET B 178 -8.47 20.31 -11.25
N GLY B 179 -7.94 21.44 -10.78
CA GLY B 179 -8.69 22.48 -10.04
C GLY B 179 -8.15 22.60 -8.63
N SER B 180 -7.47 23.71 -8.32
CA SER B 180 -6.72 23.89 -7.06
C SER B 180 -7.24 25.08 -6.25
N LEU B 181 -7.17 24.98 -4.91
CA LEU B 181 -7.33 26.09 -3.95
C LEU B 181 -5.99 26.84 -3.88
N ASN B 182 -5.60 27.48 -4.98
CA ASN B 182 -4.33 28.24 -5.11
C ASN B 182 -4.44 29.14 -6.36
N ARG B 183 -3.53 30.08 -6.52
CA ARG B 183 -3.49 30.97 -7.71
C ARG B 183 -2.79 30.21 -8.83
N PRO B 184 -3.44 30.04 -10.00
CA PRO B 184 -2.81 29.38 -11.14
C PRO B 184 -1.37 29.83 -11.41
N LEU B 185 -1.12 31.14 -11.46
CA LEU B 185 0.23 31.69 -11.78
C LEU B 185 1.25 31.42 -10.67
N ALA B 186 0.83 31.34 -9.40
CA ALA B 186 1.70 30.93 -8.27
C ALA B 186 2.15 29.48 -8.52
N MET B 187 1.23 28.62 -8.97
CA MET B 187 1.55 27.19 -9.22
C MET B 187 2.47 27.07 -10.44
N VAL B 188 2.28 27.90 -11.48
CA VAL B 188 3.16 27.88 -12.68
C VAL B 188 4.57 28.28 -12.26
N GLU B 189 4.68 29.34 -11.45
CA GLU B 189 5.96 29.86 -10.92
C GLU B 189 6.65 28.75 -10.09
N ALA B 190 5.90 28.04 -9.24
CA ALA B 190 6.43 26.96 -8.38
C ALA B 190 7.03 25.86 -9.26
N ALA B 191 6.34 25.50 -10.35
CA ALA B 191 6.75 24.45 -11.30
C ALA B 191 8.02 24.90 -12.02
N ARG B 192 8.04 26.13 -12.53
CA ARG B 192 9.24 26.72 -13.17
C ARG B 192 10.44 26.59 -12.22
N ARG B 193 10.28 26.97 -10.97
CA ARG B 193 11.37 27.07 -9.96
C ARG B 193 11.85 25.66 -9.56
N LEU B 194 10.95 24.68 -9.43
CA LEU B 194 11.27 23.31 -8.94
C LEU B 194 11.89 22.48 -10.07
N GLY B 195 11.63 22.83 -11.33
CA GLY B 195 12.23 22.16 -12.50
C GLY B 195 11.40 21.02 -13.03
N MET B 196 10.16 20.88 -12.57
CA MET B 196 9.24 19.79 -12.97
C MET B 196 8.27 20.30 -14.06
N ARG B 197 7.48 19.39 -14.63
CA ARG B 197 6.49 19.71 -15.70
C ARG B 197 5.12 19.88 -15.07
N PHE B 198 4.34 20.85 -15.56
CA PHE B 198 3.04 21.21 -14.96
C PHE B 198 2.05 21.54 -16.07
N SER B 199 0.88 20.89 -16.00
CA SER B 199 -0.35 21.31 -16.73
C SER B 199 -1.20 22.15 -15.78
N ALA B 200 -1.18 23.47 -15.98
CA ALA B 200 -1.89 24.47 -15.15
C ALA B 200 -3.36 24.50 -15.55
N SER B 201 -4.22 24.78 -14.59
CA SER B 201 -5.66 24.98 -14.84
C SER B 201 -6.14 26.17 -13.99
N THR B 202 -7.42 26.51 -14.15
CA THR B 202 -8.13 27.50 -13.32
C THR B 202 -9.28 26.78 -12.61
N TRP B 203 -9.76 27.36 -11.53
CA TRP B 203 -10.98 26.88 -10.83
C TRP B 203 -12.20 27.29 -11.67
N ALA B 204 -13.09 26.35 -12.01
CA ALA B 204 -14.27 26.58 -12.87
C ALA B 204 -15.52 25.98 -12.22
N SER B 205 -16.36 26.84 -11.67
CA SER B 205 -17.66 26.49 -11.03
C SER B 205 -18.62 27.64 -11.34
N ASP B 206 -19.74 27.37 -12.05
CA ASP B 206 -20.71 28.45 -12.40
C ASP B 206 -22.13 28.04 -11.98
N ALA B 207 -22.28 27.02 -11.14
CA ALA B 207 -23.58 26.60 -10.59
C ALA B 207 -23.38 25.98 -9.19
N VAL B 208 -24.35 26.16 -8.32
CA VAL B 208 -24.36 25.50 -6.98
C VAL B 208 -25.75 24.90 -6.76
N LEU B 209 -25.82 23.67 -6.23
CA LEU B 209 -27.10 23.03 -5.84
C LEU B 209 -27.55 23.68 -4.53
N ALA B 210 -28.69 24.38 -4.55
CA ALA B 210 -29.29 25.01 -3.36
C ALA B 210 -30.57 24.25 -3.06
N PRO B 211 -30.59 23.34 -2.05
CA PRO B 211 -31.79 22.58 -1.72
C PRO B 211 -32.98 23.45 -1.24
N ASP B 212 -32.70 24.60 -0.63
CA ASP B 212 -33.73 25.53 -0.10
C ASP B 212 -34.38 26.32 -1.25
N ARG B 213 -33.89 26.19 -2.48
CA ARG B 213 -34.43 26.89 -3.68
C ARG B 213 -35.03 25.89 -4.67
N SER B 214 -34.77 24.59 -4.48
CA SER B 214 -35.21 23.51 -5.41
C SER B 214 -34.60 23.74 -6.80
N ARG B 215 -33.45 24.42 -6.88
CA ARG B 215 -32.76 24.67 -8.18
C ARG B 215 -31.24 24.84 -7.96
N PHE B 216 -30.47 24.78 -9.04
CA PHE B 216 -29.09 25.29 -9.04
C PHE B 216 -29.17 26.81 -9.21
N LEU B 217 -28.35 27.54 -8.44
CA LEU B 217 -28.05 28.97 -8.63
C LEU B 217 -26.93 29.09 -9.67
N ARG B 218 -27.15 29.87 -10.72
CA ARG B 218 -26.10 30.21 -11.69
C ARG B 218 -25.21 31.27 -11.01
N THR B 219 -24.05 30.86 -10.50
CA THR B 219 -23.21 31.64 -9.57
C THR B 219 -22.23 32.54 -10.34
N ARG B 220 -21.96 32.26 -11.61
CA ARG B 220 -20.98 33.01 -12.43
C ARG B 220 -21.39 33.01 -13.90
N ASP B 221 -20.93 33.99 -14.65
CA ASP B 221 -21.03 34.04 -16.12
C ASP B 221 -20.04 33.01 -16.66
N ALA B 222 -20.52 32.05 -17.46
CA ALA B 222 -19.66 31.02 -18.11
C ALA B 222 -18.52 31.72 -18.86
N ASP B 223 -18.81 32.84 -19.51
CA ASP B 223 -17.88 33.57 -20.41
C ASP B 223 -16.73 34.18 -19.60
N THR B 224 -16.99 34.59 -18.36
CA THR B 224 -15.97 35.14 -17.44
C THR B 224 -15.03 34.00 -17.01
N VAL B 225 -15.59 32.86 -16.62
CA VAL B 225 -14.81 31.64 -16.26
C VAL B 225 -13.94 31.25 -17.44
N LEU B 226 -14.47 31.25 -18.66
CA LEU B 226 -13.69 30.90 -19.89
C LEU B 226 -12.62 31.95 -20.17
N ALA B 227 -12.88 33.24 -19.94
CA ALA B 227 -11.91 34.33 -20.16
C ALA B 227 -10.72 34.19 -19.19
N SER B 228 -10.96 33.83 -17.92
CA SER B 228 -9.90 33.54 -16.94
C SER B 228 -8.98 32.44 -17.47
N PHE B 229 -9.53 31.38 -18.05
CA PHE B 229 -8.68 30.27 -18.56
C PHE B 229 -7.88 30.79 -19.77
N GLU B 230 -8.45 31.65 -20.60
CA GLU B 230 -7.73 32.24 -21.77
C GLU B 230 -6.58 33.14 -21.29
N ALA B 231 -6.76 33.86 -20.19
CA ALA B 231 -5.70 34.72 -19.59
C ALA B 231 -4.55 33.83 -19.10
N LEU B 232 -4.84 32.70 -18.44
CA LEU B 232 -3.84 31.68 -18.03
C LEU B 232 -3.14 31.14 -19.28
N LEU B 233 -3.89 30.78 -20.32
CA LEU B 233 -3.32 30.21 -21.56
C LEU B 233 -2.33 31.21 -22.17
N GLY B 234 -2.66 32.51 -22.18
CA GLY B 234 -1.78 33.57 -22.68
C GLY B 234 -0.49 33.69 -21.88
N ALA B 235 -0.57 33.59 -20.55
CA ALA B 235 0.57 33.71 -19.60
C ALA B 235 1.53 32.53 -19.76
N VAL B 236 1.00 31.33 -19.96
CA VAL B 236 1.80 30.07 -20.11
C VAL B 236 2.46 30.01 -21.50
N ALA B 237 1.86 30.61 -22.54
CA ALA B 237 2.48 30.73 -23.88
C ALA B 237 3.81 31.49 -23.77
N ALA B 238 3.91 32.45 -22.84
CA ALA B 238 5.10 33.31 -22.60
C ALA B 238 6.22 32.53 -21.88
N ASP B 239 5.93 31.42 -21.21
CA ASP B 239 6.96 30.57 -20.53
C ASP B 239 7.79 29.85 -21.58
N PRO B 240 9.13 30.02 -21.61
CA PRO B 240 9.96 29.40 -22.64
C PRO B 240 10.62 28.04 -22.31
N THR B 241 10.37 27.49 -21.13
CA THR B 241 11.06 26.26 -20.62
C THR B 241 10.56 25.01 -21.35
N GLY B 242 9.36 25.05 -21.93
CA GLY B 242 8.68 23.89 -22.52
C GLY B 242 8.10 22.97 -21.45
N ARG B 243 8.17 23.35 -20.17
CA ARG B 243 7.78 22.48 -19.03
C ARG B 243 6.37 22.84 -18.52
N ILE B 244 5.76 23.90 -19.06
CA ILE B 244 4.41 24.37 -18.62
C ILE B 244 3.44 24.29 -19.80
N ARG B 245 2.35 23.56 -19.60
CA ARG B 245 1.19 23.53 -20.51
C ARG B 245 -0.03 23.93 -19.69
N CYS B 246 -1.21 23.91 -20.32
CA CYS B 246 -2.45 24.04 -19.54
C CYS B 246 -3.57 23.22 -20.16
N ARG B 247 -4.56 22.99 -19.34
CA ARG B 247 -5.73 22.15 -19.63
C ARG B 247 -6.87 22.77 -18.85
N PRO B 248 -7.95 23.21 -19.53
CA PRO B 248 -9.14 23.67 -18.85
C PRO B 248 -9.83 22.48 -18.18
N ASN B 249 -10.40 22.71 -17.00
CA ASN B 249 -11.24 21.72 -16.31
C ASN B 249 -12.55 22.39 -15.90
N VAL B 250 -13.56 21.57 -15.67
CA VAL B 250 -14.75 21.93 -14.85
C VAL B 250 -14.64 21.19 -13.51
N SER B 251 -14.80 21.91 -12.40
CA SER B 251 -14.69 21.38 -11.02
C SER B 251 -15.42 20.04 -10.95
N TYR B 252 -16.71 20.05 -11.24
CA TYR B 252 -17.63 18.90 -11.06
C TYR B 252 -18.88 19.20 -11.87
N VAL B 253 -19.48 18.18 -12.48
CA VAL B 253 -20.66 18.35 -13.38
C VAL B 253 -21.85 18.91 -12.61
N THR B 254 -21.91 18.76 -11.28
CA THR B 254 -22.97 19.42 -10.46
C THR B 254 -22.87 20.95 -10.59
N ASN B 255 -21.67 21.48 -10.75
CA ASN B 255 -21.36 22.94 -10.64
C ASN B 255 -21.10 23.49 -12.05
N MET B 256 -21.68 22.88 -13.08
CA MET B 256 -21.43 23.21 -14.50
C MET B 256 -22.77 23.49 -15.18
N THR B 257 -22.92 24.64 -15.84
CA THR B 257 -24.10 24.97 -16.68
C THR B 257 -23.86 24.41 -18.07
N ASP B 258 -24.91 24.33 -18.88
CA ASP B 258 -24.84 23.95 -20.31
C ASP B 258 -23.90 24.95 -21.03
N GLU B 259 -23.92 26.22 -20.60
CA GLU B 259 -23.20 27.33 -21.27
C GLU B 259 -21.71 27.18 -20.97
N LEU B 260 -21.34 26.84 -19.74
CA LEU B 260 -19.93 26.51 -19.40
C LEU B 260 -19.46 25.30 -20.22
N ALA B 261 -20.26 24.24 -20.29
CA ALA B 261 -19.91 23.00 -21.01
C ALA B 261 -19.68 23.31 -22.50
N ARG B 262 -20.60 24.04 -23.14
CA ARG B 262 -20.51 24.36 -24.59
C ARG B 262 -19.30 25.25 -24.84
N GLY B 263 -19.04 26.20 -23.94
CA GLY B 263 -17.88 27.11 -24.03
C GLY B 263 -16.57 26.34 -23.91
N MET B 264 -16.48 25.39 -22.97
CA MET B 264 -15.27 24.54 -22.83
C MET B 264 -15.03 23.78 -24.13
N ALA B 265 -16.07 23.15 -24.69
CA ALA B 265 -16.00 22.40 -25.97
C ALA B 265 -15.41 23.32 -27.04
N GLU B 266 -15.93 24.54 -27.15
CA GLU B 266 -15.49 25.48 -28.21
C GLU B 266 -14.03 25.87 -27.95
N LEU B 267 -13.68 26.15 -26.70
CA LEU B 267 -12.30 26.56 -26.30
C LEU B 267 -11.29 25.47 -26.66
N VAL B 268 -11.58 24.20 -26.34
CA VAL B 268 -10.59 23.11 -26.50
C VAL B 268 -10.42 22.79 -27.98
N GLU B 269 -11.48 22.95 -28.79
CA GLU B 269 -11.40 22.79 -30.27
C GLU B 269 -10.54 23.93 -30.84
N ARG B 270 -10.83 25.18 -30.46
CA ARG B 270 -10.12 26.38 -31.00
C ARG B 270 -8.62 26.29 -30.67
N HIS B 271 -8.24 25.93 -29.43
CA HIS B 271 -6.84 25.95 -28.95
C HIS B 271 -6.18 24.56 -29.02
N ASP B 272 -6.90 23.54 -29.46
CA ASP B 272 -6.42 22.14 -29.57
C ASP B 272 -5.83 21.68 -28.22
N LEU B 273 -6.67 21.61 -27.18
CA LEU B 273 -6.26 21.34 -25.78
C LEU B 273 -6.90 20.04 -25.30
N PRO B 274 -6.34 19.41 -24.25
CA PRO B 274 -7.09 18.42 -23.49
C PRO B 274 -8.20 19.10 -22.67
N PHE B 275 -9.04 18.30 -22.03
CA PHE B 275 -10.14 18.76 -21.15
C PHE B 275 -10.27 17.73 -20.02
N ALA B 276 -10.58 18.18 -18.81
CA ALA B 276 -10.73 17.33 -17.61
C ALA B 276 -11.94 17.78 -16.81
N THR B 277 -12.62 16.84 -16.15
CA THR B 277 -13.66 17.15 -15.15
C THR B 277 -13.82 15.93 -14.26
N HIS B 278 -14.55 16.08 -13.16
CA HIS B 278 -15.02 14.99 -12.28
C HIS B 278 -16.44 14.64 -12.70
N VAL B 279 -16.73 13.35 -12.87
CA VAL B 279 -18.05 12.84 -13.34
C VAL B 279 -18.20 11.39 -12.87
N GLY B 280 -19.44 10.97 -12.60
CA GLY B 280 -19.77 9.62 -12.08
C GLY B 280 -18.92 9.27 -10.88
N ALA B 281 -18.67 10.24 -10.00
CA ALA B 281 -17.74 10.08 -8.86
C ALA B 281 -18.45 9.41 -7.68
N LEU B 282 -19.75 9.64 -7.49
CA LEU B 282 -20.43 9.32 -6.21
C LEU B 282 -21.76 8.62 -6.50
N ARG B 283 -22.19 7.74 -5.59
CA ARG B 283 -23.47 7.01 -5.70
C ARG B 283 -24.63 8.01 -5.83
N ASN B 284 -24.64 9.10 -5.05
CA ASN B 284 -25.78 10.05 -4.97
C ASN B 284 -25.73 11.10 -6.09
N GLU B 285 -24.71 11.04 -6.96
CA GLU B 285 -24.51 12.05 -8.03
C GLU B 285 -25.66 12.03 -9.05
N ALA B 286 -25.95 10.88 -9.66
CA ALA B 286 -26.97 10.73 -10.73
C ALA B 286 -28.31 11.33 -10.30
N ASP B 287 -28.77 11.04 -9.08
CA ASP B 287 -30.06 11.53 -8.56
C ASP B 287 -30.04 13.07 -8.43
N ALA B 288 -28.96 13.64 -7.90
CA ALA B 288 -28.84 15.11 -7.76
C ALA B 288 -28.78 15.74 -9.15
N MET B 289 -28.05 15.11 -10.09
CA MET B 289 -27.86 15.62 -11.47
C MET B 289 -29.22 15.66 -12.19
N ARG B 290 -30.02 14.59 -12.08
CA ARG B 290 -31.35 14.51 -12.73
C ARG B 290 -32.27 15.56 -12.10
N ALA B 291 -32.24 15.73 -10.78
CA ALA B 291 -33.15 16.62 -10.01
C ALA B 291 -32.85 18.08 -10.36
N TYR B 292 -31.59 18.48 -10.48
CA TYR B 292 -31.19 19.91 -10.61
C TYR B 292 -30.88 20.29 -12.07
N HIS B 293 -30.37 19.36 -12.87
CA HIS B 293 -29.96 19.62 -14.28
C HIS B 293 -30.82 18.85 -15.29
N GLY B 294 -31.57 17.85 -14.82
CA GLY B 294 -32.47 17.04 -15.65
C GLY B 294 -31.74 15.98 -16.44
N GLU B 295 -30.45 15.75 -16.17
CA GLU B 295 -29.61 14.81 -16.94
C GLU B 295 -28.34 14.48 -16.14
N THR B 296 -27.82 13.25 -16.27
CA THR B 296 -26.56 12.78 -15.59
C THR B 296 -25.34 13.39 -16.27
N GLY B 297 -24.19 13.34 -15.59
CA GLY B 297 -22.97 14.07 -15.96
C GLY B 297 -22.48 13.72 -17.36
N VAL B 298 -22.33 12.43 -17.68
CA VAL B 298 -21.68 12.03 -18.95
C VAL B 298 -22.57 12.45 -20.11
N ARG B 299 -23.89 12.30 -19.99
CA ARG B 299 -24.86 12.65 -21.07
C ARG B 299 -24.82 14.17 -21.29
N ARG B 300 -24.71 14.98 -20.22
CA ARG B 300 -24.55 16.47 -20.33
C ARG B 300 -23.23 16.79 -21.05
N LEU B 301 -22.15 16.09 -20.72
CA LEU B 301 -20.84 16.30 -21.40
C LEU B 301 -20.98 15.92 -22.87
N ALA B 302 -21.63 14.79 -23.15
CA ALA B 302 -21.85 14.25 -24.51
C ALA B 302 -22.64 15.27 -25.36
N GLU B 303 -23.71 15.87 -24.79
CA GLU B 303 -24.53 16.92 -25.46
C GLU B 303 -23.67 18.13 -25.84
N ALA B 304 -22.77 18.54 -24.96
CA ALA B 304 -21.84 19.69 -25.17
C ALA B 304 -20.76 19.35 -26.21
N GLY B 305 -20.57 18.06 -26.54
CA GLY B 305 -19.52 17.60 -27.46
C GLY B 305 -18.18 17.38 -26.76
N LEU B 306 -18.18 17.10 -25.45
CA LEU B 306 -16.96 16.96 -24.60
C LEU B 306 -16.58 15.48 -24.36
N VAL B 307 -17.43 14.51 -24.73
CA VAL B 307 -17.08 13.07 -24.58
C VAL B 307 -16.39 12.58 -25.86
N ASP B 308 -15.08 12.76 -25.90
CA ASP B 308 -14.19 12.47 -27.06
C ASP B 308 -12.77 12.25 -26.53
N GLU B 309 -11.79 12.11 -27.42
CA GLU B 309 -10.39 11.73 -27.05
C GLU B 309 -9.73 12.81 -26.17
N ARG B 310 -10.26 14.03 -26.09
CA ARG B 310 -9.64 15.11 -25.26
C ARG B 310 -9.96 14.91 -23.77
N LEU B 311 -11.02 14.16 -23.47
CA LEU B 311 -11.61 14.11 -22.11
C LEU B 311 -10.78 13.18 -21.22
N MET B 312 -10.33 13.71 -20.07
CA MET B 312 -9.97 12.91 -18.89
C MET B 312 -11.07 13.09 -17.83
N ALA B 313 -11.83 12.03 -17.57
CA ALA B 313 -12.91 11.99 -16.58
C ALA B 313 -12.35 11.44 -15.27
N GLY B 314 -12.35 12.26 -14.22
CA GLY B 314 -11.95 11.85 -12.87
C GLY B 314 -12.98 10.92 -12.26
N HIS B 315 -12.55 9.72 -11.87
CA HIS B 315 -13.31 8.69 -11.10
C HIS B 315 -14.19 7.88 -12.07
N SER B 316 -15.31 8.44 -12.52
CA SER B 316 -16.11 7.96 -13.67
C SER B 316 -16.53 6.49 -13.47
N ALA B 317 -17.06 6.18 -12.28
CA ALA B 317 -17.44 4.82 -11.86
C ALA B 317 -18.96 4.60 -11.93
N PHE B 318 -19.76 5.62 -11.59
CA PHE B 318 -21.24 5.53 -11.55
C PHE B 318 -21.80 5.96 -12.91
N LEU B 319 -21.62 5.07 -13.89
CA LEU B 319 -22.04 5.22 -15.31
C LEU B 319 -22.98 4.05 -15.64
N ASP B 320 -24.14 4.32 -16.24
CA ASP B 320 -25.05 3.25 -16.73
C ASP B 320 -24.53 2.78 -18.09
N ASP B 321 -25.26 1.86 -18.74
CA ASP B 321 -24.78 1.20 -19.98
C ASP B 321 -24.60 2.24 -21.10
N GLN B 322 -25.54 3.18 -21.26
CA GLN B 322 -25.42 4.21 -22.33
C GLN B 322 -24.14 5.06 -22.10
N GLU B 323 -23.85 5.46 -20.86
CA GLU B 323 -22.72 6.37 -20.55
C GLU B 323 -21.39 5.64 -20.77
N GLN B 324 -21.29 4.36 -20.38
CA GLN B 324 -20.13 3.49 -20.66
C GLN B 324 -19.89 3.43 -22.18
N LYS B 325 -20.94 3.20 -22.96
CA LYS B 325 -20.86 3.13 -24.45
C LYS B 325 -20.43 4.47 -25.04
N LEU B 326 -20.89 5.61 -24.49
CA LEU B 326 -20.46 6.96 -24.94
C LEU B 326 -18.95 7.13 -24.69
N MET B 327 -18.45 6.69 -23.54
CA MET B 327 -17.01 6.79 -23.17
C MET B 327 -16.19 5.94 -24.14
N LEU B 328 -16.61 4.70 -24.41
CA LEU B 328 -15.89 3.79 -25.36
C LEU B 328 -15.94 4.37 -26.78
N ALA B 329 -17.11 4.79 -27.26
CA ALA B 329 -17.30 5.33 -28.63
C ALA B 329 -16.46 6.61 -28.82
N GLY B 330 -16.39 7.48 -27.82
CA GLY B 330 -15.57 8.71 -27.85
C GLY B 330 -14.08 8.45 -27.67
N ARG B 331 -13.68 7.27 -27.20
CA ARG B 331 -12.26 6.94 -26.87
C ARG B 331 -11.78 7.92 -25.79
N ALA B 332 -12.65 8.20 -24.81
CA ALA B 332 -12.32 9.08 -23.68
C ALA B 332 -11.33 8.36 -22.76
N HIS B 333 -10.91 9.06 -21.73
CA HIS B 333 -9.91 8.64 -20.75
C HIS B 333 -10.52 8.73 -19.35
N ILE B 334 -10.29 7.75 -18.49
CA ILE B 334 -10.67 7.80 -17.06
C ILE B 334 -9.39 7.82 -16.21
N SER B 335 -9.31 8.74 -15.26
CA SER B 335 -8.28 8.77 -14.19
C SER B 335 -8.89 8.19 -12.94
N HIS B 336 -8.24 7.17 -12.37
CA HIS B 336 -8.75 6.40 -11.20
C HIS B 336 -7.79 6.58 -10.03
N SER B 337 -8.30 6.70 -8.81
CA SER B 337 -7.53 6.99 -7.58
C SER B 337 -7.81 5.93 -6.53
N PRO B 338 -7.56 4.64 -6.83
CA PRO B 338 -7.95 3.53 -5.94
C PRO B 338 -7.19 3.53 -4.60
N GLY B 339 -6.10 4.28 -4.51
CA GLY B 339 -5.31 4.44 -3.28
C GLY B 339 -6.04 5.22 -2.20
N LYS B 340 -7.01 6.06 -2.55
CA LYS B 340 -7.58 7.06 -1.61
C LYS B 340 -9.10 6.92 -1.44
N TYR B 341 -9.81 6.05 -2.16
CA TYR B 341 -11.29 5.96 -2.07
C TYR B 341 -11.71 5.55 -0.66
N GLY B 342 -11.08 4.53 -0.08
CA GLY B 342 -11.54 3.96 1.21
C GLY B 342 -11.54 5.01 2.32
N PRO B 343 -10.38 5.68 2.55
CA PRO B 343 -10.29 6.72 3.58
C PRO B 343 -11.20 7.94 3.41
N SER B 344 -11.71 8.20 2.19
CA SER B 344 -12.71 9.26 1.89
C SER B 344 -14.15 8.71 1.98
N GLY B 345 -14.31 7.38 2.06
CA GLY B 345 -15.64 6.73 2.07
C GLY B 345 -16.26 6.65 0.68
N GLU B 346 -15.49 6.87 -0.37
CA GLU B 346 -15.94 6.76 -1.79
C GLU B 346 -15.93 5.27 -2.16
N SER B 347 -16.76 4.90 -3.13
CA SER B 347 -16.98 3.49 -3.57
C SER B 347 -16.84 3.42 -5.09
N ALA B 348 -15.90 4.19 -5.63
CA ALA B 348 -15.69 4.36 -7.10
C ALA B 348 -14.88 3.18 -7.68
N LEU B 349 -14.65 2.12 -6.90
CA LEU B 349 -14.00 0.88 -7.42
C LEU B 349 -14.98 -0.31 -7.48
N THR B 350 -15.49 -0.78 -6.34
CA THR B 350 -16.16 -2.11 -6.20
C THR B 350 -17.68 -2.00 -6.25
N GLU B 351 -18.27 -0.86 -5.95
CA GLU B 351 -19.76 -0.74 -5.89
C GLU B 351 -20.34 -1.02 -7.29
N THR B 352 -19.66 -0.61 -8.36
CA THR B 352 -20.12 -0.78 -9.76
C THR B 352 -19.15 -1.65 -10.57
N GLY B 353 -17.87 -1.71 -10.21
CA GLY B 353 -16.85 -2.43 -11.01
C GLY B 353 -16.70 -1.86 -12.43
N VAL B 354 -17.19 -0.66 -12.69
CA VAL B 354 -17.31 -0.10 -14.07
C VAL B 354 -15.92 0.26 -14.62
N VAL B 355 -15.02 0.84 -13.82
CA VAL B 355 -13.72 1.34 -14.36
C VAL B 355 -12.88 0.14 -14.83
N PRO B 356 -12.67 -0.92 -14.03
CA PRO B 356 -11.98 -2.11 -14.52
C PRO B 356 -12.63 -2.73 -15.78
N ALA B 357 -13.97 -2.74 -15.85
CA ALA B 357 -14.76 -3.31 -16.97
C ALA B 357 -14.54 -2.46 -18.24
N LEU B 358 -14.42 -1.15 -18.10
CA LEU B 358 -14.15 -0.25 -19.26
C LEU B 358 -12.71 -0.45 -19.71
N ARG B 359 -11.79 -0.65 -18.76
CA ARG B 359 -10.37 -0.94 -19.09
C ARG B 359 -10.29 -2.24 -19.90
N ARG B 360 -11.03 -3.28 -19.47
CA ARG B 360 -11.07 -4.61 -20.16
C ARG B 360 -11.65 -4.41 -21.57
N ALA B 361 -12.59 -3.48 -21.75
CA ALA B 361 -13.25 -3.23 -23.06
C ALA B 361 -12.38 -2.30 -23.93
N GLY B 362 -11.22 -1.86 -23.44
CA GLY B 362 -10.23 -1.12 -24.26
C GLY B 362 -10.22 0.38 -24.02
N LEU B 363 -10.92 0.89 -23.00
CA LEU B 363 -10.80 2.33 -22.61
C LEU B 363 -9.42 2.57 -21.96
N ASP B 364 -8.78 3.69 -22.29
CA ASP B 364 -7.56 4.21 -21.59
C ASP B 364 -7.94 4.55 -20.15
N VAL B 365 -7.32 3.89 -19.20
CA VAL B 365 -7.50 4.17 -17.75
C VAL B 365 -6.11 4.38 -17.15
N SER B 366 -5.90 5.56 -16.55
CA SER B 366 -4.64 5.95 -15.89
C SER B 366 -4.88 5.98 -14.38
N LEU B 367 -3.80 6.08 -13.61
CA LEU B 367 -3.84 6.12 -12.14
C LEU B 367 -3.33 7.48 -11.70
N SER B 368 -3.99 8.05 -10.70
CA SER B 368 -3.74 9.41 -10.16
C SER B 368 -3.92 9.39 -8.64
N THR B 369 -3.36 10.39 -7.95
CA THR B 369 -3.38 10.47 -6.47
C THR B 369 -4.65 11.18 -6.01
N ASP B 370 -5.29 11.97 -6.88
CA ASP B 370 -6.30 12.95 -6.40
C ASP B 370 -5.48 13.94 -5.56
N ALA B 371 -5.98 14.40 -4.41
CA ALA B 371 -5.14 15.04 -3.39
C ALA B 371 -5.98 15.39 -2.17
N ALA B 372 -5.29 15.66 -1.06
CA ALA B 372 -5.88 16.11 0.22
C ALA B 372 -5.09 17.33 0.71
N ALA B 373 -5.44 17.82 1.90
CA ALA B 373 -4.89 19.04 2.50
C ALA B 373 -3.59 18.70 3.26
N LEU B 374 -3.36 17.41 3.49
CA LEU B 374 -2.13 16.87 4.13
C LEU B 374 -1.60 15.77 3.23
N PRO B 375 -0.30 15.39 3.33
CA PRO B 375 0.26 14.36 2.47
C PRO B 375 -0.52 13.05 2.59
N GLY B 376 -0.88 12.49 1.43
CA GLY B 376 -1.58 11.19 1.29
C GLY B 376 -0.84 10.30 0.31
N ALA B 377 -1.52 9.26 -0.17
CA ALA B 377 -0.94 8.26 -1.09
C ALA B 377 -0.34 9.00 -2.28
N GLY B 378 0.89 8.68 -2.65
CA GLY B 378 1.49 9.13 -3.91
C GLY B 378 1.18 8.14 -5.01
N ILE B 379 1.76 8.35 -6.19
CA ILE B 379 1.63 7.47 -7.38
C ILE B 379 2.05 6.04 -7.01
N ALA B 380 3.20 5.88 -6.37
CA ALA B 380 3.75 4.56 -5.97
C ALA B 380 2.70 3.80 -5.15
N GLU B 381 2.00 4.49 -4.24
CA GLU B 381 0.98 3.88 -3.36
C GLU B 381 -0.26 3.54 -4.19
N THR B 382 -0.57 4.35 -5.19
CA THR B 382 -1.74 4.15 -6.09
C THR B 382 -1.49 2.97 -7.02
N MET B 383 -0.26 2.83 -7.53
CA MET B 383 0.15 1.68 -8.39
C MET B 383 -0.04 0.38 -7.60
N ARG B 384 0.37 0.33 -6.34
CA ARG B 384 0.21 -0.87 -5.49
C ARG B 384 -1.28 -1.19 -5.37
N ALA B 385 -2.09 -0.17 -5.07
CA ALA B 385 -3.55 -0.28 -4.84
C ALA B 385 -4.21 -0.90 -6.06
N ALA B 386 -3.91 -0.40 -7.27
CA ALA B 386 -4.50 -0.90 -8.52
C ALA B 386 -4.14 -2.38 -8.66
N TRP B 387 -2.87 -2.70 -8.43
CA TRP B 387 -2.28 -4.05 -8.60
C TRP B 387 -2.98 -5.02 -7.64
N GLN B 388 -3.19 -4.64 -6.38
CA GLN B 388 -3.95 -5.45 -5.39
C GLN B 388 -5.42 -5.53 -5.80
N MET B 389 -6.06 -4.39 -6.10
CA MET B 389 -7.55 -4.28 -6.02
C MET B 389 -8.21 -4.77 -7.31
N TYR B 390 -7.68 -4.39 -8.48
CA TYR B 390 -8.22 -4.87 -9.78
C TYR B 390 -8.05 -6.39 -9.89
N ASN B 391 -6.89 -6.92 -9.49
CA ASN B 391 -6.58 -8.37 -9.60
C ASN B 391 -7.49 -9.15 -8.65
N GLU B 392 -7.70 -8.66 -7.42
CA GLU B 392 -8.54 -9.35 -6.40
C GLU B 392 -9.99 -9.42 -6.90
N MET B 393 -10.49 -8.32 -7.49
CA MET B 393 -11.90 -8.22 -7.95
C MET B 393 -12.18 -9.24 -9.05
N SER B 394 -11.19 -9.54 -9.89
CA SER B 394 -11.36 -10.41 -11.07
C SER B 394 -10.75 -11.80 -10.82
N ALA B 395 -10.24 -12.08 -9.62
CA ALA B 395 -9.55 -13.34 -9.29
C ALA B 395 -8.54 -13.68 -10.39
N ASP B 396 -7.73 -12.70 -10.79
CA ASP B 396 -6.85 -12.78 -11.97
C ASP B 396 -5.61 -11.90 -11.70
N GLN B 397 -4.46 -12.53 -11.43
CA GLN B 397 -3.17 -11.86 -11.12
C GLN B 397 -2.61 -11.19 -12.39
N THR B 398 -3.22 -11.37 -13.56
CA THR B 398 -2.71 -10.79 -14.84
C THR B 398 -3.58 -9.63 -15.33
N GLU B 399 -4.67 -9.28 -14.65
CA GLU B 399 -5.54 -8.18 -15.13
C GLU B 399 -4.73 -6.87 -15.09
N VAL B 400 -4.09 -6.60 -13.96
CA VAL B 400 -3.08 -5.52 -13.83
C VAL B 400 -1.75 -6.17 -13.43
N LEU B 401 -0.87 -6.37 -14.40
CA LEU B 401 0.55 -6.73 -14.15
C LEU B 401 1.24 -5.52 -13.54
N PRO B 402 2.33 -5.71 -12.73
CA PRO B 402 3.10 -4.58 -12.26
C PRO B 402 3.48 -3.59 -13.37
N THR B 403 3.85 -4.06 -14.57
CA THR B 403 4.22 -3.15 -15.70
C THR B 403 2.97 -2.43 -16.22
N ASP B 404 1.77 -2.98 -16.03
CA ASP B 404 0.48 -2.29 -16.35
C ASP B 404 0.30 -1.12 -15.39
N ALA B 405 0.46 -1.36 -14.08
CA ALA B 405 0.36 -0.32 -13.04
C ALA B 405 1.34 0.80 -13.37
N LEU B 406 2.55 0.47 -13.84
CA LEU B 406 3.55 1.47 -14.23
C LEU B 406 3.05 2.26 -15.44
N ALA B 407 2.58 1.58 -16.48
CA ALA B 407 2.08 2.22 -17.73
C ALA B 407 0.92 3.17 -17.38
N MET B 408 0.09 2.78 -16.41
CA MET B 408 -1.12 3.54 -15.99
C MET B 408 -0.72 4.83 -15.26
N ALA B 409 0.49 4.87 -14.68
CA ALA B 409 1.06 5.99 -13.92
C ALA B 409 2.10 6.76 -14.74
N THR B 410 2.37 6.35 -15.99
CA THR B 410 3.39 6.96 -16.87
C THR B 410 2.78 7.22 -18.25
N ARG B 411 2.92 6.28 -19.18
CA ARG B 411 2.61 6.50 -20.63
C ARG B 411 1.12 6.81 -20.81
N ILE B 412 0.25 6.04 -20.18
CA ILE B 412 -1.22 6.12 -20.37
C ILE B 412 -1.70 7.43 -19.74
N ALA B 413 -1.18 7.84 -18.57
CA ALA B 413 -1.51 9.14 -17.94
C ALA B 413 -1.07 10.29 -18.86
N ALA B 414 0.12 10.21 -19.45
CA ALA B 414 0.65 11.23 -20.38
C ALA B 414 -0.27 11.36 -21.61
N LYS B 415 -0.84 10.24 -22.06
CA LYS B 415 -1.79 10.21 -23.20
C LYS B 415 -3.08 10.99 -22.83
N GLY B 416 -3.62 10.74 -21.64
CA GLY B 416 -4.81 11.45 -21.14
C GLY B 416 -4.56 12.95 -21.04
N LEU B 417 -3.33 13.32 -20.66
CA LEU B 417 -2.86 14.72 -20.48
C LEU B 417 -2.46 15.33 -21.83
N ARG B 418 -2.39 14.53 -22.89
CA ARG B 418 -1.90 14.90 -24.25
C ARG B 418 -0.49 15.47 -24.14
N TRP B 419 0.37 14.76 -23.38
CA TRP B 419 1.80 15.07 -23.22
C TRP B 419 2.67 13.85 -23.61
N ASP B 420 2.07 12.78 -24.17
CA ASP B 420 2.78 11.53 -24.53
C ASP B 420 3.66 11.76 -25.77
N ASP B 421 3.56 12.92 -26.43
CA ASP B 421 4.55 13.36 -27.44
C ASP B 421 5.95 13.49 -26.81
N ALA B 422 6.04 13.88 -25.53
CA ALA B 422 7.30 14.27 -24.86
C ALA B 422 7.60 13.41 -23.63
N VAL B 423 6.61 12.97 -22.84
CA VAL B 423 6.88 12.27 -21.55
C VAL B 423 6.13 10.94 -21.48
N GLY B 424 6.36 10.19 -20.42
CA GLY B 424 5.57 8.99 -20.08
C GLY B 424 6.29 7.70 -20.38
N SER B 425 7.32 7.72 -21.24
CA SER B 425 8.08 6.49 -21.58
C SER B 425 9.55 6.82 -21.85
N LEU B 426 10.42 5.85 -21.58
CA LEU B 426 11.85 5.91 -21.95
C LEU B 426 11.98 5.32 -23.35
N GLU B 427 11.92 6.21 -24.34
CA GLU B 427 12.04 5.87 -25.77
C GLU B 427 12.85 6.98 -26.43
N PRO B 428 13.64 6.66 -27.47
CA PRO B 428 14.35 7.69 -28.23
C PRO B 428 13.39 8.81 -28.67
N GLY B 429 13.75 10.07 -28.39
CA GLY B 429 13.00 11.27 -28.80
C GLY B 429 12.19 11.87 -27.66
N LYS B 430 11.86 11.10 -26.61
CA LYS B 430 11.10 11.60 -25.45
C LYS B 430 12.05 12.33 -24.48
N GLN B 431 11.50 13.16 -23.59
CA GLN B 431 12.27 13.90 -22.57
C GLN B 431 12.94 12.88 -21.64
N ALA B 432 14.16 13.20 -21.20
CA ALA B 432 14.93 12.39 -20.22
C ALA B 432 14.33 12.65 -18.84
N ASP B 433 13.13 12.09 -18.61
CA ASP B 433 12.42 12.16 -17.30
C ASP B 433 12.47 10.75 -16.72
N LEU B 434 13.24 10.53 -15.65
CA LEU B 434 13.35 9.18 -15.09
C LEU B 434 13.65 9.22 -13.59
N LEU B 435 13.33 8.09 -12.94
CA LEU B 435 13.52 7.83 -11.51
C LEU B 435 14.55 6.72 -11.36
N LEU B 436 15.36 6.78 -10.31
CA LEU B 436 16.19 5.65 -9.85
C LEU B 436 15.68 5.26 -8.48
N VAL B 437 15.54 3.95 -8.24
CA VAL B 437 15.19 3.38 -6.92
C VAL B 437 16.30 2.38 -6.57
N ARG B 438 16.81 2.43 -5.33
CA ARG B 438 17.82 1.46 -4.85
C ARG B 438 17.14 0.11 -4.71
N THR B 439 17.75 -0.95 -5.24
CA THR B 439 17.19 -2.33 -5.25
C THR B 439 18.16 -3.30 -4.55
N ASP B 440 18.96 -2.82 -3.62
CA ASP B 440 20.07 -3.62 -3.01
C ASP B 440 19.75 -4.01 -1.56
N ASP B 441 18.56 -3.72 -1.03
CA ASP B 441 18.23 -4.15 0.36
C ASP B 441 17.39 -5.44 0.31
N TRP B 442 17.07 -5.98 1.48
CA TRP B 442 16.33 -7.26 1.68
C TRP B 442 15.04 -7.30 0.84
N ARG B 443 14.36 -6.17 0.64
CA ARG B 443 13.04 -6.13 -0.04
C ARG B 443 13.16 -6.66 -1.47
N TYR B 444 14.31 -6.48 -2.11
CA TYR B 444 14.52 -6.77 -3.55
C TYR B 444 15.33 -8.06 -3.76
N LEU B 445 15.82 -8.70 -2.69
CA LEU B 445 16.85 -9.76 -2.81
C LEU B 445 16.32 -10.95 -3.63
N LEU B 446 17.03 -11.27 -4.73
CA LEU B 446 16.81 -12.42 -5.65
C LEU B 446 15.66 -12.15 -6.62
N ASN B 447 14.90 -11.07 -6.47
CA ASN B 447 13.71 -10.84 -7.34
C ASN B 447 14.20 -10.28 -8.67
N PRO B 448 14.01 -10.99 -9.81
CA PRO B 448 14.36 -10.43 -11.12
C PRO B 448 13.29 -9.43 -11.62
N ARG B 449 12.24 -9.23 -10.81
CA ARG B 449 11.18 -8.21 -11.06
C ARG B 449 11.18 -7.19 -9.93
N PRO B 450 12.19 -6.30 -9.88
CA PRO B 450 12.29 -5.28 -8.84
C PRO B 450 11.04 -4.39 -8.73
N LEU B 451 10.34 -4.10 -9.84
CA LEU B 451 9.07 -3.32 -9.81
C LEU B 451 8.04 -4.00 -8.89
N GLU B 452 7.95 -5.32 -8.96
CA GLU B 452 7.05 -6.15 -8.11
C GLU B 452 7.41 -5.92 -6.65
N SER B 453 8.69 -6.02 -6.28
CA SER B 453 9.18 -5.80 -4.88
C SER B 453 8.87 -4.37 -4.44
N PHE B 454 8.99 -3.41 -5.37
CA PHE B 454 8.69 -1.98 -5.14
C PHE B 454 7.20 -1.82 -4.79
N LEU B 455 6.30 -2.50 -5.51
CA LEU B 455 4.84 -2.44 -5.23
C LEU B 455 4.51 -3.17 -3.93
N TRP B 456 5.23 -4.24 -3.60
CA TRP B 456 5.01 -5.00 -2.34
C TRP B 456 5.36 -4.10 -1.13
N LEU B 457 6.54 -3.47 -1.13
CA LEU B 457 7.25 -3.10 0.13
C LEU B 457 7.90 -1.69 0.07
N ALA B 458 7.68 -0.94 -1.00
CA ALA B 458 8.31 0.39 -1.17
C ALA B 458 7.23 1.43 -1.43
N GLY B 459 7.62 2.69 -1.52
CA GLY B 459 6.69 3.81 -1.72
C GLY B 459 7.40 5.04 -2.24
N SER B 460 6.69 6.17 -2.20
CA SER B 460 7.16 7.53 -2.56
C SER B 460 8.53 7.83 -1.94
N ALA B 461 8.69 7.54 -0.64
CA ALA B 461 9.91 7.83 0.16
C ALA B 461 11.13 7.09 -0.42
N ASP B 462 10.93 5.96 -1.11
CA ASP B 462 12.01 5.12 -1.67
C ASP B 462 12.48 5.64 -3.04
N VAL B 463 11.88 6.69 -3.58
CA VAL B 463 12.44 7.34 -4.81
C VAL B 463 13.77 7.98 -4.42
N ASP B 464 14.86 7.58 -5.07
CA ASP B 464 16.24 7.99 -4.72
C ASP B 464 16.63 9.21 -5.55
N THR B 465 16.60 9.07 -6.87
CA THR B 465 17.00 10.09 -7.85
C THR B 465 15.79 10.41 -8.74
N VAL B 466 15.62 11.70 -9.06
CA VAL B 466 14.59 12.20 -10.00
C VAL B 466 15.32 13.11 -11.01
N ILE B 467 15.21 12.78 -12.30
CA ILE B 467 15.79 13.58 -13.40
C ILE B 467 14.64 14.05 -14.28
N VAL B 468 14.59 15.34 -14.59
CA VAL B 468 13.62 15.98 -15.51
C VAL B 468 14.42 16.72 -16.60
N GLY B 469 14.16 16.42 -17.86
CA GLY B 469 14.93 16.99 -19.00
C GLY B 469 16.43 16.88 -18.81
N GLY B 470 16.92 15.79 -18.22
CA GLY B 470 18.35 15.52 -18.06
C GLY B 470 18.98 16.20 -16.84
N ARG B 471 18.23 16.99 -16.08
CA ARG B 471 18.72 17.71 -14.87
C ARG B 471 18.32 16.90 -13.63
N THR B 472 19.27 16.58 -12.76
CA THR B 472 19.00 15.92 -11.46
C THR B 472 18.36 16.95 -10.53
N LEU B 473 17.15 16.66 -10.07
CA LEU B 473 16.43 17.50 -9.09
C LEU B 473 16.50 16.83 -7.71
N VAL B 474 16.50 15.50 -7.66
CA VAL B 474 16.54 14.73 -6.38
C VAL B 474 17.62 13.67 -6.50
N GLU B 475 18.34 13.41 -5.41
CA GLU B 475 19.50 12.48 -5.36
C GLU B 475 19.69 12.02 -3.90
N GLY B 476 19.77 10.71 -3.68
CA GLY B 476 19.78 10.09 -2.34
C GLY B 476 18.54 10.48 -1.54
N GLY B 477 17.40 10.68 -2.21
CA GLY B 477 16.13 11.12 -1.59
C GLY B 477 16.16 12.57 -1.11
N ARG B 478 17.13 13.38 -1.53
CA ARG B 478 17.28 14.79 -1.08
C ARG B 478 17.15 15.72 -2.29
N GLY B 479 16.44 16.84 -2.12
CA GLY B 479 16.39 17.89 -3.16
C GLY B 479 17.78 18.45 -3.39
N VAL B 480 18.23 18.57 -4.64
CA VAL B 480 19.58 19.13 -4.93
C VAL B 480 19.45 20.48 -5.63
N GLU B 481 18.22 20.95 -5.90
CA GLU B 481 17.98 22.31 -6.47
C GLU B 481 17.02 23.10 -5.58
N VAL B 482 16.78 22.67 -4.34
CA VAL B 482 15.92 23.40 -3.35
C VAL B 482 16.56 23.37 -1.95
N ASP B 483 16.20 24.36 -1.12
CA ASP B 483 16.34 24.32 0.35
C ASP B 483 15.07 23.67 0.92
N GLU B 484 15.13 22.38 1.25
CA GLU B 484 13.97 21.62 1.80
C GLU B 484 13.49 22.26 3.11
N ALA B 485 14.40 22.73 3.97
CA ALA B 485 14.05 23.36 5.26
C ALA B 485 13.30 24.67 4.98
N ALA B 486 13.71 25.42 3.95
CA ALA B 486 13.09 26.68 3.52
C ALA B 486 11.69 26.39 3.00
N LEU B 487 11.54 25.38 2.11
CA LEU B 487 10.22 25.02 1.53
C LEU B 487 9.27 24.73 2.70
N ARG B 488 9.72 23.92 3.64
CA ARG B 488 8.92 23.53 4.83
C ARG B 488 8.57 24.80 5.62
N ASP B 489 9.54 25.62 6.00
CA ASP B 489 9.33 26.74 6.97
C ASP B 489 8.45 27.81 6.34
N ARG B 490 8.63 28.09 5.06
CA ARG B 490 7.80 29.08 4.32
C ARG B 490 6.36 28.57 4.21
N TYR B 491 6.17 27.26 3.97
CA TYR B 491 4.84 26.61 3.94
C TYR B 491 4.16 26.78 5.30
N LEU B 492 4.85 26.51 6.41
CA LEU B 492 4.25 26.60 7.77
C LEU B 492 3.85 28.05 8.09
N GLN B 493 4.71 29.01 7.77
CA GLN B 493 4.46 30.46 7.93
C GLN B 493 3.26 30.88 7.08
N ALA B 494 3.23 30.55 5.80
CA ALA B 494 2.10 30.82 4.88
C ALA B 494 0.81 30.19 5.43
N LEU B 495 0.87 28.93 5.83
CA LEU B 495 -0.31 28.20 6.35
C LEU B 495 -0.85 28.94 7.58
N ARG B 496 0.03 29.38 8.47
CA ARG B 496 -0.37 30.13 9.69
C ARG B 496 -1.12 31.41 9.31
N GLY B 497 -0.53 32.22 8.42
CA GLY B 497 -1.11 33.49 7.95
C GLY B 497 -2.49 33.27 7.37
N PHE B 498 -2.61 32.33 6.43
CA PHE B 498 -3.87 32.06 5.69
C PHE B 498 -4.92 31.52 6.66
N THR B 499 -4.52 30.64 7.56
CA THR B 499 -5.43 29.92 8.49
C THR B 499 -6.03 30.92 9.49
N THR B 500 -5.21 31.79 10.08
CA THR B 500 -5.65 32.77 11.08
C THR B 500 -6.44 33.90 10.40
N ARG B 501 -5.97 34.40 9.25
CA ARG B 501 -6.55 35.61 8.61
C ARG B 501 -7.76 35.22 7.75
N ALA B 502 -7.58 34.36 6.76
CA ALA B 502 -8.63 33.96 5.78
C ALA B 502 -9.63 32.99 6.41
N LEU B 503 -9.18 31.95 7.12
CA LEU B 503 -10.10 30.90 7.66
C LEU B 503 -10.53 31.25 9.09
N ARG B 504 -10.00 32.32 9.68
CA ARG B 504 -10.44 32.89 10.98
C ARG B 504 -10.34 31.83 12.09
N VAL B 505 -9.38 30.91 11.97
CA VAL B 505 -9.06 29.96 13.07
C VAL B 505 -8.23 30.72 14.10
N PRO B 506 -8.61 30.69 15.40
CA PRO B 506 -7.83 31.38 16.43
C PRO B 506 -6.37 30.89 16.52
N ALA B 507 -5.46 31.83 16.76
CA ALA B 507 -4.02 31.59 16.93
C ALA B 507 -3.79 30.62 18.09
N GLU B 508 -4.68 30.62 19.09
CA GLU B 508 -4.62 29.71 20.28
C GLU B 508 -4.69 28.25 19.83
N ALA B 509 -5.38 27.96 18.72
CA ALA B 509 -5.55 26.58 18.18
C ALA B 509 -4.37 26.23 17.25
N VAL B 510 -3.78 27.22 16.59
CA VAL B 510 -2.79 27.01 15.49
C VAL B 510 -1.38 26.90 16.07
N ASP B 511 -1.01 27.78 17.01
CA ASP B 511 0.38 27.94 17.47
C ASP B 511 0.86 26.70 18.23
N PRO B 512 0.04 26.06 19.09
CA PRO B 512 0.47 24.82 19.77
C PRO B 512 0.87 23.72 18.78
N VAL B 513 0.14 23.59 17.66
CA VAL B 513 0.46 22.60 16.59
C VAL B 513 1.80 22.97 15.96
N LEU B 514 2.02 24.25 15.61
CA LEU B 514 3.26 24.68 14.91
C LEU B 514 4.47 24.60 15.87
N ALA B 515 4.26 24.76 17.16
CA ALA B 515 5.33 24.63 18.20
C ALA B 515 5.76 23.17 18.34
N GLU B 516 4.91 22.20 17.99
CA GLU B 516 5.21 20.74 18.11
C GLU B 516 5.98 20.24 16.88
N VAL B 517 6.05 21.00 15.79
CA VAL B 517 6.80 20.59 14.56
C VAL B 517 8.27 20.33 14.95
N ALA B 518 8.81 19.16 14.59
CA ALA B 518 10.24 18.83 14.71
C ALA B 518 11.00 19.45 13.53
N ARG B 519 11.75 20.54 13.76
CA ARG B 519 12.56 21.26 12.72
C ARG B 519 13.88 20.51 12.51
ZN ZN C . -1.87 -19.33 4.91
ZN ZN D . -10.08 15.21 -8.12
#